data_2RC6
#
_entry.id   2RC6
#
_cell.length_a   67.168
_cell.length_b   112.251
_cell.length_c   92.399
_cell.angle_alpha   90.00
_cell.angle_beta   93.19
_cell.angle_gamma   90.00
#
_symmetry.space_group_name_H-M   'P 1 21 1'
#
loop_
_entity.id
_entity.type
_entity.pdbx_description
1 polymer 'Ferredoxin-NADP reductase'
2 non-polymer 'ZINC ION'
3 non-polymer 'SULFATE ION'
4 non-polymer 'FLAVIN-ADENINE DINUCLEOTIDE'
5 non-polymer 'NADP NICOTINAMIDE-ADENINE-DINUCLEOTIDE PHOSPHATE'
6 water water
#
_entity_poly.entity_id   1
_entity_poly.type   'polypeptide(L)'
_entity_poly.pdbx_seq_one_letter_code
;MHSLMKPTREPQINLFKKSNPYKAKVISNVLLTPETGTGKRPKKEGEALVHRIVLAIDHSAYPYVIGQSGGVIPPGEDPE
KKAKGLADVGYTVRLYSIASPSYSFGMKEDNIEFIIKRDNIYDENGNIQFKGVCSNYMCDLKPGDEVTMTGPSGKKFLLP
NTDFSGDIMFLATGTGIAPFIGMSEELLEHKLIKFTGNITLVYGAPYSDELVMMDYLKGLESKHKNFKLITAISREEKNS
FDGGRMYISHRVREQAEAVKKILNGGGRFYICGGPKGMEKGVIEEIQKISGNTGTYEEFKHHLEGAHQLFVETY
;
_entity_poly.pdbx_strand_id   A,B,C,D
#
# COMPACT_ATOMS: atom_id res chain seq x y z
N PRO A 7 29.93 17.32 -3.60
CA PRO A 7 30.50 15.98 -3.79
C PRO A 7 31.58 15.70 -2.76
N THR A 8 32.16 14.50 -2.82
CA THR A 8 33.17 14.05 -1.86
C THR A 8 32.97 14.65 -0.46
N ARG A 9 32.49 13.82 0.46
CA ARG A 9 32.19 14.27 1.82
C ARG A 9 33.33 15.08 2.43
N GLU A 10 33.10 15.60 3.64
CA GLU A 10 34.02 16.55 4.28
C GLU A 10 33.94 17.92 3.64
N PRO A 11 33.31 18.87 4.35
CA PRO A 11 33.01 20.23 3.90
C PRO A 11 34.26 21.09 3.70
N GLN A 12 34.30 21.81 2.59
CA GLN A 12 35.32 22.82 2.37
C GLN A 12 34.63 24.17 2.26
N ILE A 13 35.28 25.21 2.80
CA ILE A 13 34.68 26.53 2.76
C ILE A 13 35.59 27.56 2.09
N ASN A 14 34.98 28.58 1.51
CA ASN A 14 35.71 29.70 0.91
C ASN A 14 36.76 29.26 -0.11
N LEU A 15 36.42 28.24 -0.91
CA LEU A 15 37.27 27.84 -2.03
C LEU A 15 37.25 28.95 -3.07
N PHE A 16 36.27 29.83 -2.98
CA PHE A 16 36.13 30.95 -3.90
C PHE A 16 35.63 32.18 -3.18
N LYS A 17 36.40 33.27 -3.26
CA LYS A 17 36.01 34.54 -2.67
C LYS A 17 35.80 35.56 -3.78
N LYS A 18 35.50 36.80 -3.41
CA LYS A 18 35.20 37.82 -4.40
C LYS A 18 36.41 38.14 -5.29
N SER A 19 37.60 37.76 -4.84
CA SER A 19 38.82 38.03 -5.61
C SER A 19 39.14 36.88 -6.57
N ASN A 20 38.51 35.73 -6.35
CA ASN A 20 38.64 34.59 -7.26
C ASN A 20 37.34 33.81 -7.37
N PRO A 21 36.29 34.47 -7.89
CA PRO A 21 34.94 33.88 -7.98
C PRO A 21 34.92 32.63 -8.85
N TYR A 22 33.83 31.89 -8.78
CA TYR A 22 33.61 30.74 -9.65
C TYR A 22 32.45 31.03 -10.59
N LYS A 23 32.68 30.95 -11.89
CA LYS A 23 31.64 31.21 -12.87
C LYS A 23 30.81 29.95 -13.12
N ALA A 24 29.49 30.13 -13.16
CA ALA A 24 28.59 29.03 -13.45
C ALA A 24 27.54 29.46 -14.47
N LYS A 25 27.24 28.59 -15.42
CA LYS A 25 26.20 28.87 -16.41
C LYS A 25 24.84 28.41 -15.90
N VAL A 26 23.81 29.19 -16.18
CA VAL A 26 22.46 28.86 -15.75
C VAL A 26 21.85 27.80 -16.67
N ILE A 27 21.44 26.69 -16.08
CA ILE A 27 20.76 25.63 -16.82
C ILE A 27 19.26 25.90 -16.89
N SER A 28 18.66 26.19 -15.74
CA SER A 28 17.23 26.46 -15.68
C SER A 28 16.86 27.42 -14.55
N ASN A 29 15.78 28.15 -14.76
CA ASN A 29 15.24 29.07 -13.76
C ASN A 29 13.72 29.15 -13.91
N VAL A 30 13.03 28.26 -13.22
CA VAL A 30 11.57 28.16 -13.36
C VAL A 30 10.83 28.66 -12.12
N LEU A 31 9.73 29.35 -12.34
CA LEU A 31 8.90 29.87 -11.26
C LEU A 31 8.08 28.75 -10.61
N LEU A 32 8.01 28.77 -9.28
CA LEU A 32 7.38 27.69 -8.54
C LEU A 32 6.06 28.11 -7.89
N THR A 33 5.83 29.42 -7.84
CA THR A 33 4.61 29.96 -7.26
C THR A 33 3.78 30.61 -8.35
N PRO A 34 2.48 30.84 -8.09
CA PRO A 34 1.63 31.42 -9.13
C PRO A 34 2.15 32.76 -9.60
N GLU A 35 2.03 33.03 -10.90
CA GLU A 35 2.41 34.34 -11.43
C GLU A 35 1.61 35.42 -10.70
N THR A 36 2.22 36.58 -10.51
CA THR A 36 1.56 37.68 -9.80
C THR A 36 0.12 37.86 -10.29
N GLY A 37 -0.81 37.97 -9.34
CA GLY A 37 -2.21 38.13 -9.67
C GLY A 37 -2.97 36.84 -9.52
N THR A 38 -2.39 35.74 -10.01
CA THR A 38 -2.95 34.42 -9.77
C THR A 38 -2.73 34.10 -8.30
N GLY A 39 -3.27 32.98 -7.85
CA GLY A 39 -2.99 32.51 -6.50
C GLY A 39 -3.69 33.30 -5.41
N LYS A 40 -3.53 32.82 -4.18
CA LYS A 40 -4.33 33.29 -3.05
C LYS A 40 -3.89 34.65 -2.48
N ARG A 41 -2.59 34.90 -2.44
CA ARG A 41 -2.11 36.16 -1.86
C ARG A 41 -2.70 37.36 -2.57
N PRO A 42 -3.45 38.19 -1.82
CA PRO A 42 -4.19 39.35 -2.34
C PRO A 42 -3.25 40.54 -2.58
N LYS A 43 -3.65 41.46 -3.46
CA LYS A 43 -2.84 42.61 -3.82
C LYS A 43 -2.17 43.27 -2.59
N LYS A 44 -2.98 43.65 -1.60
CA LYS A 44 -2.47 44.40 -0.43
C LYS A 44 -1.34 43.69 0.31
N GLU A 45 -1.12 42.41 0.02
CA GLU A 45 -0.07 41.65 0.68
C GLU A 45 1.13 41.40 -0.25
N GLY A 46 1.27 42.24 -1.27
CA GLY A 46 2.39 42.14 -2.18
C GLY A 46 2.42 40.86 -2.99
N GLU A 47 3.62 40.40 -3.32
CA GLU A 47 3.80 39.23 -4.17
C GLU A 47 4.69 38.19 -3.50
N ALA A 48 4.47 36.93 -3.85
CA ALA A 48 5.33 35.84 -3.40
C ALA A 48 5.84 35.04 -4.60
N LEU A 49 6.90 35.52 -5.22
CA LEU A 49 7.47 34.88 -6.41
C LEU A 49 8.73 34.12 -6.08
N VAL A 50 8.62 32.79 -6.01
CA VAL A 50 9.74 31.93 -5.64
C VAL A 50 10.22 31.11 -6.84
N HIS A 51 11.51 31.23 -7.15
CA HIS A 51 12.09 30.52 -8.29
C HIS A 51 12.99 29.37 -7.84
N ARG A 52 13.00 28.31 -8.64
CA ARG A 52 14.00 27.26 -8.47
C ARG A 52 15.07 27.46 -9.54
N ILE A 53 16.32 27.56 -9.10
CA ILE A 53 17.41 27.90 -10.02
C ILE A 53 18.48 26.81 -10.05
N VAL A 54 18.79 26.33 -11.24
CA VAL A 54 19.75 25.25 -11.41
C VAL A 54 20.97 25.69 -12.20
N LEU A 55 22.13 25.69 -11.55
CA LEU A 55 23.38 26.08 -12.19
C LEU A 55 24.23 24.86 -12.51
N ALA A 56 24.92 24.89 -13.65
CA ALA A 56 25.86 23.84 -13.99
C ALA A 56 27.23 24.16 -13.41
N ILE A 57 27.81 23.20 -12.71
CA ILE A 57 29.12 23.42 -12.10
C ILE A 57 30.02 22.20 -12.23
N ASP A 58 31.30 22.38 -11.93
CA ASP A 58 32.25 21.29 -11.90
C ASP A 58 32.42 20.84 -10.46
N HIS A 59 31.78 19.73 -10.10
CA HIS A 59 31.85 19.20 -8.74
C HIS A 59 33.29 18.98 -8.28
N SER A 60 34.23 18.93 -9.23
CA SER A 60 35.63 18.79 -8.90
C SER A 60 36.20 20.08 -8.32
N ALA A 61 35.72 21.21 -8.82
CA ALA A 61 36.23 22.51 -8.41
C ALA A 61 35.39 23.15 -7.31
N TYR A 62 34.16 22.67 -7.16
CA TYR A 62 33.25 23.22 -6.15
C TYR A 62 32.56 22.07 -5.40
N PRO A 63 33.34 21.33 -4.60
CA PRO A 63 32.88 20.13 -3.88
C PRO A 63 32.04 20.48 -2.66
N TYR A 64 30.82 20.95 -2.90
CA TYR A 64 29.95 21.37 -1.81
C TYR A 64 29.32 20.19 -1.10
N VAL A 65 28.83 20.43 0.11
CA VAL A 65 28.11 19.43 0.87
C VAL A 65 26.75 20.00 1.28
N ILE A 66 25.70 19.23 1.03
CA ILE A 66 24.35 19.69 1.34
C ILE A 66 24.29 20.22 2.77
N GLY A 67 23.59 21.33 2.96
CA GLY A 67 23.55 22.00 4.24
C GLY A 67 24.44 23.23 4.22
N GLN A 68 25.25 23.36 3.18
CA GLN A 68 26.11 24.52 3.00
C GLN A 68 25.40 25.62 2.22
N SER A 69 26.01 26.78 2.16
CA SER A 69 25.47 27.91 1.41
C SER A 69 26.38 28.25 0.24
N GLY A 70 25.78 28.69 -0.86
CA GLY A 70 26.53 29.23 -1.97
C GLY A 70 26.40 30.74 -1.94
N GLY A 71 27.40 31.44 -2.44
CA GLY A 71 27.37 32.89 -2.47
C GLY A 71 27.30 33.43 -3.89
N VAL A 72 26.51 34.47 -4.08
CA VAL A 72 26.42 35.12 -5.38
C VAL A 72 26.83 36.57 -5.30
N ILE A 73 27.43 37.07 -6.38
CA ILE A 73 27.77 38.48 -6.46
C ILE A 73 27.02 39.13 -7.62
N PRO A 74 26.01 39.94 -7.30
CA PRO A 74 25.17 40.59 -8.30
C PRO A 74 25.97 41.58 -9.11
N PRO A 75 25.82 41.56 -10.44
CA PRO A 75 26.53 42.50 -11.31
C PRO A 75 26.17 43.95 -10.99
N GLY A 76 27.15 44.84 -11.06
CA GLY A 76 26.89 46.26 -10.88
C GLY A 76 27.64 46.92 -9.74
N GLU A 77 27.33 48.18 -9.50
CA GLU A 77 27.98 48.96 -8.45
C GLU A 77 26.98 49.38 -7.38
N ASP A 78 27.28 49.02 -6.13
CA ASP A 78 26.42 49.35 -5.00
C ASP A 78 26.38 50.87 -4.80
N PRO A 79 25.20 51.48 -5.04
CA PRO A 79 25.00 52.92 -4.91
C PRO A 79 25.50 53.46 -3.57
N GLU A 80 25.13 52.80 -2.49
CA GLU A 80 25.54 53.23 -1.16
C GLU A 80 27.06 53.26 -1.04
N LYS A 81 27.71 52.29 -1.65
CA LYS A 81 29.17 52.18 -1.58
C LYS A 81 29.84 53.30 -2.37
N LYS A 82 29.28 53.60 -3.55
CA LYS A 82 29.81 54.66 -4.37
C LYS A 82 29.65 56.00 -3.68
N ALA A 83 28.50 56.20 -3.04
CA ALA A 83 28.20 57.43 -2.31
C ALA A 83 29.16 57.59 -1.13
N LYS A 84 29.44 56.49 -0.45
CA LYS A 84 30.42 56.50 0.63
C LYS A 84 31.83 56.50 0.05
N GLY A 85 31.93 56.32 -1.26
CA GLY A 85 33.21 56.28 -1.94
C GLY A 85 34.17 55.27 -1.32
N LEU A 86 34.03 54.00 -1.72
CA LEU A 86 34.77 52.93 -1.08
C LEU A 86 35.92 52.38 -1.92
N ALA A 87 35.87 52.60 -3.22
CA ALA A 87 36.84 52.02 -4.15
C ALA A 87 36.60 50.52 -4.35
N ASP A 88 35.88 49.91 -3.41
CA ASP A 88 35.39 48.55 -3.57
C ASP A 88 34.15 48.61 -4.44
N VAL A 89 33.11 49.27 -3.93
CA VAL A 89 31.94 49.64 -4.72
C VAL A 89 31.09 48.46 -5.24
N GLY A 90 31.74 47.33 -5.50
CA GLY A 90 31.02 46.15 -5.96
C GLY A 90 30.06 45.63 -4.91
N TYR A 91 28.91 45.13 -5.35
CA TYR A 91 27.92 44.58 -4.44
C TYR A 91 28.53 43.48 -3.56
N THR A 92 28.20 43.53 -2.27
CA THR A 92 28.65 42.50 -1.35
C THR A 92 27.90 41.19 -1.58
N VAL A 93 28.52 40.07 -1.21
CA VAL A 93 27.96 38.74 -1.46
C VAL A 93 26.62 38.51 -0.77
N ARG A 94 25.72 37.83 -1.49
CA ARG A 94 24.48 37.32 -0.91
C ARG A 94 24.54 35.80 -0.82
N LEU A 95 24.14 35.26 0.33
CA LEU A 95 24.17 33.81 0.53
C LEU A 95 22.83 33.14 0.25
N TYR A 96 22.87 31.90 -0.26
CA TYR A 96 21.66 31.13 -0.52
C TYR A 96 21.86 29.67 -0.18
N SER A 97 20.89 29.08 0.52
CA SER A 97 20.98 27.69 0.93
C SER A 97 20.97 26.75 -0.27
N ILE A 98 22.05 25.99 -0.43
CA ILE A 98 22.12 24.98 -1.47
C ILE A 98 20.97 23.99 -1.28
N ALA A 99 20.16 23.82 -2.32
CA ALA A 99 18.96 22.99 -2.23
C ALA A 99 19.14 21.60 -2.85
N SER A 100 20.18 21.44 -3.66
CA SER A 100 20.46 20.16 -4.30
C SER A 100 21.30 19.29 -3.37
N PRO A 101 21.13 17.96 -3.49
CA PRO A 101 21.90 17.02 -2.65
C PRO A 101 23.37 17.03 -3.03
N SER A 102 24.23 16.63 -2.11
CA SER A 102 25.68 16.68 -2.30
C SER A 102 26.10 16.41 -3.74
N TYR A 103 25.76 15.23 -4.26
CA TYR A 103 26.18 14.83 -5.60
C TYR A 103 25.13 15.11 -6.67
N SER A 104 24.25 16.07 -6.40
CA SER A 104 23.15 16.40 -7.30
C SER A 104 22.10 15.30 -7.33
N PHE A 105 20.90 15.63 -7.79
CA PHE A 105 19.86 14.63 -7.98
C PHE A 105 20.35 13.58 -8.98
N GLY A 106 20.13 12.32 -8.67
CA GLY A 106 20.60 11.24 -9.54
C GLY A 106 22.11 11.11 -9.53
N MET A 107 22.74 11.83 -8.60
CA MET A 107 24.20 11.78 -8.44
C MET A 107 24.95 11.98 -9.76
N LYS A 108 24.44 12.87 -10.60
CA LYS A 108 25.09 13.20 -11.85
C LYS A 108 26.31 14.09 -11.63
N GLU A 109 26.37 14.72 -10.46
CA GLU A 109 27.46 15.62 -10.14
C GLU A 109 27.64 16.67 -11.23
N ASP A 110 26.52 17.13 -11.78
CA ASP A 110 26.55 18.07 -12.91
C ASP A 110 26.08 19.47 -12.55
N ASN A 111 25.34 19.61 -11.45
CA ASN A 111 24.74 20.91 -11.13
C ASN A 111 24.66 21.26 -9.65
N ILE A 112 24.08 22.42 -9.39
CA ILE A 112 23.79 22.89 -8.03
C ILE A 112 22.54 23.75 -8.10
N GLU A 113 21.69 23.67 -7.09
CA GLU A 113 20.39 24.34 -7.16
C GLU A 113 20.10 25.28 -5.99
N PHE A 114 19.23 26.25 -6.24
CA PHE A 114 18.83 27.21 -5.21
C PHE A 114 17.32 27.42 -5.22
N ILE A 115 16.76 27.79 -4.08
CA ILE A 115 15.35 28.16 -3.98
C ILE A 115 15.26 29.62 -3.52
N ILE A 116 15.10 30.52 -4.48
CA ILE A 116 15.22 31.95 -4.21
C ILE A 116 13.91 32.69 -4.41
N LYS A 117 13.62 33.63 -3.50
CA LYS A 117 12.41 34.43 -3.59
C LYS A 117 12.75 35.91 -3.78
N ARG A 118 12.01 36.57 -4.67
CA ARG A 118 12.16 38.01 -4.86
C ARG A 118 11.90 38.72 -3.54
N ASP A 119 12.94 39.35 -3.00
CA ASP A 119 12.85 40.01 -1.72
C ASP A 119 12.55 41.49 -1.88
N ASN A 120 11.26 41.82 -1.93
CA ASN A 120 10.82 43.20 -2.09
C ASN A 120 10.11 43.73 -0.85
N ILE A 121 9.67 44.98 -0.89
CA ILE A 121 9.11 45.62 0.30
C ILE A 121 7.60 45.88 0.24
N TYR A 122 7.15 46.59 -0.78
CA TYR A 122 5.75 46.98 -0.86
C TYR A 122 5.35 47.81 0.36
N ASN A 125 -0.95 49.13 0.87
CA ASN A 125 -0.80 49.55 -0.53
C ASN A 125 -0.80 48.38 -1.50
N GLY A 126 0.21 47.53 -1.42
CA GLY A 126 0.28 46.34 -2.26
C GLY A 126 1.24 46.47 -3.42
N ASN A 127 1.62 47.70 -3.75
CA ASN A 127 2.54 47.96 -4.84
C ASN A 127 3.99 48.06 -4.38
N ILE A 128 4.92 47.71 -5.26
CA ILE A 128 6.33 47.63 -4.92
C ILE A 128 6.89 48.97 -4.42
N GLN A 129 7.73 48.91 -3.39
CA GLN A 129 8.32 50.12 -2.82
C GLN A 129 9.84 50.04 -2.87
N PHE A 130 10.39 48.89 -2.49
CA PHE A 130 11.82 48.65 -2.59
C PHE A 130 12.07 47.29 -3.23
N LYS A 131 13.21 47.16 -3.90
CA LYS A 131 13.49 45.98 -4.72
C LYS A 131 14.85 45.37 -4.38
N GLY A 132 14.84 44.17 -3.81
CA GLY A 132 16.07 43.47 -3.46
C GLY A 132 16.95 43.23 -4.67
N VAL A 133 18.22 43.59 -4.55
CA VAL A 133 19.15 43.52 -5.67
C VAL A 133 19.43 42.10 -6.16
N CYS A 134 20.00 41.27 -5.30
CA CYS A 134 20.47 39.96 -5.72
C CYS A 134 19.36 38.96 -6.03
N SER A 135 18.35 38.91 -5.16
CA SER A 135 17.26 37.96 -5.33
C SER A 135 16.54 38.16 -6.67
N ASN A 136 16.37 39.42 -7.07
CA ASN A 136 15.75 39.72 -8.34
C ASN A 136 16.68 39.42 -9.52
N TYR A 137 17.95 39.72 -9.35
CA TYR A 137 18.95 39.37 -10.36
C TYR A 137 18.85 37.88 -10.65
N MET A 138 18.90 37.07 -9.60
CA MET A 138 18.80 35.63 -9.74
C MET A 138 17.51 35.21 -10.42
N CYS A 139 16.39 35.70 -9.92
CA CYS A 139 15.08 35.32 -10.45
C CYS A 139 14.86 35.82 -11.87
N ASP A 140 15.76 36.68 -12.33
CA ASP A 140 15.67 37.21 -13.69
C ASP A 140 16.65 36.50 -14.63
N LEU A 141 17.40 35.55 -14.09
CA LEU A 141 18.37 34.80 -14.89
C LEU A 141 17.71 34.08 -16.04
N LYS A 142 18.39 34.07 -17.18
CA LYS A 142 17.92 33.31 -18.33
C LYS A 142 18.89 32.18 -18.60
N PRO A 143 18.38 31.05 -19.10
CA PRO A 143 19.25 29.91 -19.42
C PRO A 143 20.42 30.37 -20.28
N GLY A 144 21.65 30.04 -19.88
CA GLY A 144 22.82 30.45 -20.62
C GLY A 144 23.58 31.57 -19.95
N ASP A 145 22.90 32.34 -19.10
CA ASP A 145 23.55 33.41 -18.36
C ASP A 145 24.67 32.87 -17.49
N GLU A 146 25.57 33.75 -17.07
CA GLU A 146 26.67 33.34 -16.21
C GLU A 146 26.50 33.95 -14.82
N VAL A 147 26.68 33.14 -13.79
CA VAL A 147 26.55 33.61 -12.42
C VAL A 147 27.89 33.60 -11.69
N THR A 148 28.24 34.74 -11.10
CA THR A 148 29.45 34.85 -10.30
C THR A 148 29.23 34.26 -8.92
N MET A 149 30.00 33.23 -8.59
CA MET A 149 29.78 32.49 -7.34
C MET A 149 30.92 32.58 -6.32
N THR A 150 30.57 32.30 -5.07
CA THR A 150 31.50 32.34 -3.95
C THR A 150 31.25 31.10 -3.08
N GLY A 151 32.23 30.71 -2.28
CA GLY A 151 32.03 29.64 -1.33
C GLY A 151 32.76 28.35 -1.64
N PRO A 152 32.25 27.21 -1.14
CA PRO A 152 31.04 27.11 -0.32
C PRO A 152 31.18 27.84 1.01
N SER A 153 30.06 28.09 1.68
CA SER A 153 30.06 28.85 2.92
C SER A 153 29.31 28.13 4.04
N GLY A 154 29.98 27.94 5.17
CA GLY A 154 29.37 27.32 6.33
C GLY A 154 29.73 25.87 6.50
N LYS A 155 29.93 25.45 7.74
CA LYS A 155 30.21 24.04 8.03
C LYS A 155 29.70 23.62 9.41
N LYS A 156 28.53 24.12 9.77
CA LYS A 156 27.87 23.71 11.01
C LYS A 156 26.56 22.99 10.69
N PHE A 157 25.77 23.57 9.79
CA PHE A 157 24.49 23.03 9.39
C PHE A 157 24.68 21.83 8.46
N LEU A 158 25.01 20.67 9.03
CA LEU A 158 25.31 19.49 8.23
C LEU A 158 24.62 18.22 8.72
N LEU A 159 24.56 17.22 7.85
CA LEU A 159 24.03 15.90 8.20
C LEU A 159 25.14 15.06 8.83
N PRO A 160 24.76 14.02 9.60
CA PRO A 160 25.76 13.13 10.17
C PRO A 160 26.63 12.53 9.07
N ASN A 161 27.93 12.42 9.31
CA ASN A 161 28.84 11.86 8.31
C ASN A 161 29.08 10.37 8.51
N THR A 162 28.43 9.80 9.51
CA THR A 162 28.49 8.36 9.75
C THR A 162 27.08 7.80 9.98
N ASP A 163 26.93 6.49 9.86
CA ASP A 163 25.63 5.85 10.05
C ASP A 163 24.88 6.45 11.23
N PHE A 164 23.58 6.64 11.06
CA PHE A 164 22.78 7.33 12.06
C PHE A 164 21.47 6.59 12.34
N SER A 165 21.06 6.56 13.60
CA SER A 165 19.88 5.81 14.02
C SER A 165 18.82 6.70 14.67
N GLY A 166 19.22 7.91 15.06
CA GLY A 166 18.31 8.83 15.70
C GLY A 166 17.33 9.45 14.70
N ASP A 167 16.19 9.92 15.20
CA ASP A 167 15.22 10.59 14.36
C ASP A 167 15.70 12.00 14.02
N ILE A 168 15.27 12.52 12.87
CA ILE A 168 15.63 13.85 12.44
C ILE A 168 14.40 14.68 12.12
N MET A 169 14.32 15.88 12.67
CA MET A 169 13.20 16.77 12.42
C MET A 169 13.64 18.02 11.67
N PHE A 170 13.10 18.20 10.46
CA PHE A 170 13.37 19.40 9.66
C PHE A 170 12.27 20.43 9.88
N LEU A 171 12.67 21.65 10.26
CA LEU A 171 11.73 22.72 10.50
C LEU A 171 12.05 23.88 9.56
N ALA A 172 11.13 24.16 8.63
CA ALA A 172 11.38 25.14 7.59
C ALA A 172 10.24 26.13 7.42
N THR A 173 10.58 27.36 7.05
CA THR A 173 9.59 28.37 6.70
C THR A 173 10.02 29.05 5.41
N GLY A 174 9.11 29.11 4.44
CA GLY A 174 9.40 29.71 3.15
C GLY A 174 10.58 29.07 2.47
N THR A 175 11.50 29.90 1.99
CA THR A 175 12.71 29.41 1.30
C THR A 175 13.59 28.53 2.20
N GLY A 176 13.31 28.53 3.49
CA GLY A 176 14.06 27.71 4.43
C GLY A 176 13.93 26.23 4.12
N ILE A 177 13.03 25.90 3.18
CA ILE A 177 12.81 24.52 2.79
C ILE A 177 13.99 24.01 1.96
N ALA A 178 14.76 24.94 1.41
CA ALA A 178 15.83 24.60 0.48
C ALA A 178 16.73 23.44 0.91
N PRO A 179 17.46 23.62 2.03
CA PRO A 179 18.43 22.60 2.43
C PRO A 179 17.79 21.25 2.67
N PHE A 180 16.50 21.25 3.01
CA PHE A 180 15.82 20.02 3.38
C PHE A 180 15.36 19.19 2.18
N ILE A 181 15.31 19.81 1.00
CA ILE A 181 15.05 19.06 -0.21
C ILE A 181 16.24 18.14 -0.46
N GLY A 182 17.42 18.75 -0.58
CA GLY A 182 18.64 17.99 -0.81
C GLY A 182 18.88 16.95 0.26
N MET A 183 18.74 17.35 1.51
CA MET A 183 18.97 16.44 2.64
C MET A 183 18.00 15.26 2.61
N SER A 184 16.74 15.53 2.27
CA SER A 184 15.74 14.47 2.20
C SER A 184 16.07 13.44 1.12
N GLU A 185 16.47 13.92 -0.05
CA GLU A 185 16.83 13.05 -1.16
C GLU A 185 18.07 12.22 -0.80
N GLU A 186 19.03 12.87 -0.15
CA GLU A 186 20.30 12.25 0.19
C GLU A 186 20.13 11.13 1.23
N LEU A 187 19.30 11.38 2.24
CA LEU A 187 19.09 10.41 3.31
C LEU A 187 18.24 9.23 2.85
N LEU A 188 17.26 9.49 2.00
CA LEU A 188 16.30 8.47 1.60
C LEU A 188 16.69 7.72 0.32
N GLU A 189 17.48 8.35 -0.55
CA GLU A 189 17.79 7.75 -1.85
C GLU A 189 19.28 7.51 -2.08
N HIS A 190 20.12 8.48 -1.74
CA HIS A 190 21.55 8.40 -2.00
C HIS A 190 22.27 7.52 -1.00
N LYS A 191 21.76 7.48 0.23
CA LYS A 191 22.29 6.61 1.26
C LYS A 191 23.82 6.64 1.33
N LEU A 192 24.39 7.84 1.44
CA LEU A 192 25.82 7.98 1.66
C LEU A 192 26.15 7.45 3.05
N ILE A 193 25.09 7.17 3.81
CA ILE A 193 25.20 6.61 5.15
C ILE A 193 23.96 5.75 5.41
N LYS A 194 24.09 4.77 6.30
CA LYS A 194 22.93 3.98 6.69
C LYS A 194 22.10 4.73 7.73
N PHE A 195 21.02 5.34 7.26
CA PHE A 195 20.11 6.08 8.13
C PHE A 195 18.91 5.21 8.48
N THR A 196 18.69 5.01 9.77
CA THR A 196 17.60 4.14 10.24
C THR A 196 16.61 4.88 11.13
N GLY A 197 16.69 6.20 11.16
CA GLY A 197 15.80 7.00 11.96
C GLY A 197 14.59 7.47 11.17
N ASN A 198 13.69 8.19 11.83
CA ASN A 198 12.51 8.74 11.17
C ASN A 198 12.65 10.24 10.88
N ILE A 199 12.33 10.63 9.65
CA ILE A 199 12.39 12.04 9.27
C ILE A 199 11.01 12.68 9.35
N THR A 200 10.91 13.76 10.11
CA THR A 200 9.68 14.54 10.17
C THR A 200 9.95 15.94 9.64
N LEU A 201 9.32 16.27 8.53
CA LEU A 201 9.51 17.58 7.91
C LEU A 201 8.34 18.48 8.17
N VAL A 202 8.57 19.53 8.97
CA VAL A 202 7.54 20.51 9.28
C VAL A 202 7.82 21.78 8.48
N TYR A 203 6.92 22.11 7.57
CA TYR A 203 7.16 23.13 6.56
C TYR A 203 6.04 24.16 6.57
N GLY A 204 6.40 25.43 6.74
CA GLY A 204 5.42 26.50 6.85
C GLY A 204 5.54 27.60 5.81
N ALA A 205 4.38 28.14 5.41
CA ALA A 205 4.32 29.28 4.49
C ALA A 205 2.97 29.98 4.64
N PRO A 206 2.85 31.19 4.09
CA PRO A 206 1.61 31.98 4.22
C PRO A 206 0.39 31.32 3.57
N TYR A 207 0.54 30.85 2.33
CA TYR A 207 -0.58 30.21 1.63
C TYR A 207 -0.19 28.87 1.01
N SER A 208 -1.18 28.01 0.82
CA SER A 208 -0.95 26.68 0.28
C SER A 208 -0.18 26.71 -1.04
N ASP A 209 -0.43 27.74 -1.85
CA ASP A 209 0.23 27.85 -3.14
C ASP A 209 1.63 28.44 -3.02
N GLU A 210 2.04 28.76 -1.80
CA GLU A 210 3.39 29.29 -1.56
C GLU A 210 4.29 28.21 -0.96
N LEU A 211 3.71 27.06 -0.67
CA LEU A 211 4.46 25.85 -0.38
C LEU A 211 5.03 25.32 -1.70
N VAL A 212 6.34 25.29 -1.82
CA VAL A 212 6.99 24.84 -3.06
C VAL A 212 7.48 23.39 -2.97
N MET A 213 7.74 22.79 -4.13
CA MET A 213 8.28 21.44 -4.21
C MET A 213 7.32 20.41 -3.63
N MET A 214 6.07 20.81 -3.40
CA MET A 214 5.10 19.95 -2.72
C MET A 214 4.90 18.60 -3.41
N ASP A 215 4.76 18.61 -4.73
CA ASP A 215 4.62 17.35 -5.47
C ASP A 215 5.74 16.40 -5.07
N TYR A 216 6.97 16.91 -5.10
CA TYR A 216 8.14 16.12 -4.75
C TYR A 216 8.11 15.64 -3.30
N LEU A 217 7.78 16.55 -2.38
CA LEU A 217 7.76 16.22 -0.96
C LEU A 217 6.67 15.21 -0.62
N LYS A 218 5.45 15.46 -1.08
CA LYS A 218 4.34 14.54 -0.86
C LYS A 218 4.68 13.16 -1.41
N GLY A 219 5.37 13.15 -2.56
CA GLY A 219 5.82 11.91 -3.15
C GLY A 219 6.78 11.18 -2.25
N LEU A 220 7.68 11.93 -1.62
CA LEU A 220 8.63 11.34 -0.69
C LEU A 220 7.89 10.68 0.46
N GLU A 221 6.82 11.32 0.91
CA GLU A 221 6.06 10.81 2.05
C GLU A 221 5.36 9.50 1.73
N SER A 222 4.80 9.40 0.54
CA SER A 222 4.03 8.21 0.15
C SER A 222 4.92 7.05 -0.24
N LYS A 223 6.20 7.32 -0.45
CA LYS A 223 7.12 6.29 -0.91
C LYS A 223 7.92 5.63 0.21
N HIS A 224 7.87 6.18 1.41
CA HIS A 224 8.83 5.78 2.45
C HIS A 224 8.31 5.29 3.81
N LYS A 225 7.36 6.02 4.39
CA LYS A 225 6.94 5.77 5.77
C LYS A 225 8.04 6.27 6.69
N ASN A 226 9.27 6.17 6.20
CA ASN A 226 10.46 6.70 6.84
C ASN A 226 10.39 8.22 6.98
N PHE A 227 9.39 8.81 6.35
CA PHE A 227 9.33 10.26 6.15
C PHE A 227 7.90 10.79 6.26
N LYS A 228 7.65 11.64 7.26
CA LYS A 228 6.35 12.27 7.42
C LYS A 228 6.40 13.77 7.10
N LEU A 229 5.34 14.27 6.47
CA LEU A 229 5.29 15.65 6.04
C LEU A 229 4.14 16.42 6.71
N ILE A 230 4.49 17.49 7.40
CA ILE A 230 3.50 18.34 8.05
C ILE A 230 3.69 19.77 7.56
N THR A 231 2.57 20.48 7.35
CA THR A 231 2.65 21.86 6.89
C THR A 231 1.95 22.83 7.85
N ALA A 232 2.43 24.06 7.86
CA ALA A 232 1.81 25.12 8.65
C ALA A 232 1.52 26.32 7.74
N ILE A 233 0.29 26.39 7.25
CA ILE A 233 -0.13 27.46 6.36
C ILE A 233 -0.72 28.60 7.18
N SER A 234 0.13 29.54 7.56
CA SER A 234 -0.19 30.54 8.58
C SER A 234 -1.42 31.41 8.32
N ARG A 235 -1.70 31.71 7.06
CA ARG A 235 -2.80 32.62 6.75
C ARG A 235 -4.05 31.90 6.29
N GLU A 236 -4.08 30.59 6.48
CA GLU A 236 -5.25 29.78 6.14
C GLU A 236 -5.61 28.86 7.29
N GLU A 237 -4.75 28.81 8.29
CA GLU A 237 -4.96 27.94 9.44
C GLU A 237 -4.68 28.66 10.75
N LYS A 238 -5.51 28.39 11.75
CA LYS A 238 -5.29 28.89 13.09
C LYS A 238 -4.97 27.70 14.00
N ASN A 239 -4.01 27.86 14.90
CA ASN A 239 -3.64 26.77 15.79
C ASN A 239 -4.69 26.53 16.87
N SER A 240 -4.68 25.33 17.42
CA SER A 240 -5.71 24.90 18.37
C SER A 240 -5.46 25.40 19.79
N PHE A 241 -4.28 25.98 20.01
CA PHE A 241 -3.87 26.36 21.35
C PHE A 241 -4.32 27.76 21.76
N ASP A 242 -4.02 28.75 20.92
CA ASP A 242 -4.41 30.13 21.22
C ASP A 242 -5.23 30.77 20.11
N GLY A 243 -5.54 30.00 19.07
CA GLY A 243 -6.38 30.46 17.99
C GLY A 243 -5.71 31.47 17.08
N GLY A 244 -4.39 31.63 17.25
CA GLY A 244 -3.63 32.52 16.40
C GLY A 244 -3.23 31.83 15.10
N ARG A 245 -2.39 32.49 14.32
CA ARG A 245 -1.92 31.92 13.07
C ARG A 245 -1.20 30.61 13.32
N MET A 246 -1.32 29.68 12.37
CA MET A 246 -0.66 28.39 12.48
C MET A 246 0.80 28.46 12.04
N TYR A 247 1.71 28.41 12.99
CA TYR A 247 3.15 28.40 12.66
C TYR A 247 3.72 27.00 12.89
N ILE A 248 4.91 26.77 12.36
CA ILE A 248 5.57 25.48 12.54
C ILE A 248 5.78 25.18 14.01
N SER A 249 5.88 26.24 14.82
CA SER A 249 6.07 26.08 16.25
C SER A 249 4.89 25.36 16.89
N HIS A 250 3.68 25.67 16.42
CA HIS A 250 2.48 25.01 16.93
C HIS A 250 2.42 23.57 16.46
N ARG A 251 3.01 23.30 15.30
CA ARG A 251 3.07 21.94 14.79
C ARG A 251 3.99 21.11 15.66
N VAL A 252 5.10 21.72 16.07
CA VAL A 252 6.03 21.09 16.99
C VAL A 252 5.30 20.64 18.26
N ARG A 253 4.49 21.54 18.80
CA ARG A 253 3.74 21.26 20.02
C ARG A 253 2.79 20.08 19.80
N GLU A 254 2.24 19.98 18.59
CA GLU A 254 1.36 18.86 18.25
C GLU A 254 2.13 17.56 18.07
N GLN A 255 3.41 17.68 17.72
CA GLN A 255 4.26 16.50 17.54
C GLN A 255 5.12 16.25 18.78
N ALA A 256 4.50 16.37 19.95
CA ALA A 256 5.21 16.24 21.22
C ALA A 256 6.08 14.99 21.29
N GLU A 257 5.54 13.87 20.81
CA GLU A 257 6.24 12.59 20.94
C GLU A 257 7.39 12.41 19.97
N ALA A 258 7.19 12.83 18.73
CA ALA A 258 8.29 12.80 17.77
C ALA A 258 9.40 13.69 18.30
N VAL A 259 9.00 14.78 18.95
CA VAL A 259 9.96 15.69 19.58
C VAL A 259 10.70 15.01 20.72
N LYS A 260 9.96 14.33 21.59
CA LYS A 260 10.54 13.60 22.71
C LYS A 260 11.47 12.49 22.23
N LYS A 261 11.05 11.78 21.17
CA LYS A 261 11.86 10.72 20.60
C LYS A 261 13.24 11.26 20.23
N ILE A 262 13.28 12.47 19.72
CA ILE A 262 14.53 13.09 19.29
C ILE A 262 15.35 13.57 20.49
N LEU A 263 14.67 14.09 21.50
CA LEU A 263 15.33 14.60 22.69
C LEU A 263 16.01 13.49 23.49
N ASN A 264 15.42 12.31 23.46
CA ASN A 264 15.92 11.18 24.24
C ASN A 264 16.62 10.12 23.40
N GLY A 265 16.46 10.20 22.08
CA GLY A 265 16.99 9.20 21.18
C GLY A 265 18.18 9.66 20.36
N GLY A 266 18.82 10.73 20.81
CA GLY A 266 19.98 11.26 20.12
C GLY A 266 19.70 11.78 18.72
N GLY A 267 18.47 12.25 18.51
CA GLY A 267 18.07 12.78 17.23
C GLY A 267 18.55 14.20 17.03
N ARG A 268 18.23 14.79 15.89
CA ARG A 268 18.68 16.15 15.58
C ARG A 268 17.52 17.06 15.18
N PHE A 269 17.69 18.35 15.45
CA PHE A 269 16.74 19.37 15.01
C PHE A 269 17.41 20.33 14.04
N TYR A 270 16.85 20.46 12.84
CA TYR A 270 17.32 21.45 11.89
C TYR A 270 16.24 22.50 11.68
N ILE A 271 16.60 23.76 11.94
CA ILE A 271 15.67 24.87 11.78
C ILE A 271 16.22 25.85 10.76
N CYS A 272 15.45 26.12 9.71
CA CYS A 272 15.90 27.00 8.64
C CYS A 272 14.76 27.84 8.07
N GLY A 273 15.06 29.08 7.70
CA GLY A 273 14.06 29.96 7.12
C GLY A 273 13.99 31.32 7.79
N GLY A 274 12.90 32.04 7.55
CA GLY A 274 12.72 33.36 8.12
C GLY A 274 11.45 33.47 8.95
N PRO A 275 11.24 34.63 9.59
CA PRO A 275 12.20 35.74 9.56
C PRO A 275 13.34 35.51 10.56
N LYS A 276 14.30 36.42 10.57
CA LYS A 276 15.43 36.32 11.47
C LYS A 276 14.97 36.07 12.91
N GLY A 277 15.56 35.05 13.55
CA GLY A 277 15.23 34.74 14.92
C GLY A 277 13.90 34.03 15.10
N MET A 278 13.42 33.38 14.05
CA MET A 278 12.16 32.65 14.13
C MET A 278 12.36 31.33 14.85
N GLU A 279 13.62 30.98 15.11
CA GLU A 279 13.95 29.75 15.81
C GLU A 279 13.55 29.81 17.28
N LYS A 280 13.56 31.02 17.84
CA LYS A 280 13.23 31.19 19.26
C LYS A 280 11.92 30.49 19.62
N GLY A 281 10.85 30.83 18.92
CA GLY A 281 9.55 30.26 19.17
C GLY A 281 9.52 28.74 19.04
N VAL A 282 10.21 28.24 18.01
CA VAL A 282 10.31 26.80 17.79
C VAL A 282 11.09 26.14 18.91
N ILE A 283 12.24 26.72 19.26
CA ILE A 283 13.11 26.16 20.28
C ILE A 283 12.44 26.10 21.65
N GLU A 284 11.83 27.20 22.07
CA GLU A 284 11.20 27.24 23.39
C GLU A 284 9.91 26.43 23.45
N GLU A 285 9.48 25.93 22.30
CA GLU A 285 8.37 24.99 22.27
C GLU A 285 8.92 23.59 22.50
N ILE A 286 10.12 23.35 21.96
CA ILE A 286 10.82 22.10 22.20
C ILE A 286 11.21 22.01 23.67
N GLN A 287 11.52 23.15 24.26
CA GLN A 287 11.93 23.20 25.65
C GLN A 287 10.76 22.86 26.59
N LYS A 288 9.58 23.39 26.28
CA LYS A 288 8.39 23.06 27.04
C LYS A 288 8.18 21.55 27.09
N ILE A 289 8.37 20.90 25.94
CA ILE A 289 8.17 19.47 25.83
C ILE A 289 9.20 18.68 26.63
N SER A 290 10.44 19.15 26.64
CA SER A 290 11.50 18.50 27.40
C SER A 290 11.27 18.72 28.89
N GLY A 291 10.68 19.85 29.24
CA GLY A 291 10.37 20.18 30.62
C GLY A 291 11.50 20.89 31.32
N ASN A 292 12.65 20.97 30.66
CA ASN A 292 13.81 21.67 31.19
C ASN A 292 13.49 23.14 31.44
N THR A 293 13.87 23.65 32.62
CA THR A 293 13.52 25.01 32.99
C THR A 293 14.69 25.99 33.05
N GLY A 294 15.81 25.61 32.45
CA GLY A 294 16.93 26.53 32.34
C GLY A 294 16.52 27.70 31.48
N THR A 295 17.41 28.68 31.32
CA THR A 295 17.11 29.81 30.46
C THR A 295 17.05 29.34 29.02
N TYR A 296 16.34 30.09 28.18
CA TYR A 296 16.24 29.76 26.77
C TYR A 296 17.61 29.48 26.17
N GLU A 297 18.57 30.33 26.51
CA GLU A 297 19.89 30.23 25.91
C GLU A 297 20.68 29.05 26.45
N GLU A 298 20.45 28.71 27.72
CA GLU A 298 21.11 27.56 28.33
C GLU A 298 20.63 26.28 27.67
N PHE A 299 19.35 26.24 27.35
CA PHE A 299 18.76 25.08 26.69
C PHE A 299 19.22 24.99 25.24
N LYS A 300 19.24 26.14 24.57
CA LYS A 300 19.65 26.19 23.17
C LYS A 300 21.13 25.82 22.99
N HIS A 301 21.99 26.37 23.83
CA HIS A 301 23.42 26.10 23.71
C HIS A 301 23.73 24.65 24.06
N HIS A 302 22.98 24.12 25.02
CA HIS A 302 23.11 22.72 25.42
C HIS A 302 22.85 21.82 24.22
N LEU A 303 21.71 22.02 23.56
CA LEU A 303 21.34 21.22 22.40
C LEU A 303 22.38 21.32 21.29
N GLU A 304 22.77 22.54 20.94
CA GLU A 304 23.80 22.74 19.93
C GLU A 304 25.07 21.99 20.33
N GLY A 305 25.45 22.14 21.59
CA GLY A 305 26.61 21.45 22.13
C GLY A 305 26.45 19.95 22.02
N ALA A 306 25.23 19.47 22.23
CA ALA A 306 24.95 18.05 22.18
C ALA A 306 24.79 17.58 20.74
N HIS A 307 24.97 18.49 19.78
CA HIS A 307 24.80 18.17 18.38
C HIS A 307 23.39 17.73 18.06
N GLN A 308 22.42 18.35 18.73
CA GLN A 308 21.02 18.01 18.50
C GLN A 308 20.25 19.21 17.96
N LEU A 309 20.95 20.33 17.82
CA LEU A 309 20.34 21.55 17.30
C LEU A 309 21.20 22.18 16.21
N PHE A 310 20.55 22.62 15.14
CA PHE A 310 21.22 23.26 14.03
C PHE A 310 20.30 24.33 13.45
N VAL A 311 20.70 25.59 13.54
CA VAL A 311 19.82 26.68 13.17
C VAL A 311 20.45 27.67 12.18
N GLU A 312 19.72 27.92 11.10
CA GLU A 312 20.12 28.92 10.10
C GLU A 312 18.90 29.73 9.69
N THR A 313 18.74 30.90 10.30
CA THR A 313 17.59 31.76 10.01
C THR A 313 18.05 33.11 9.50
N TYR A 314 17.17 33.79 8.76
CA TYR A 314 17.50 35.05 8.13
C TYR A 314 16.24 35.81 7.76
N PRO B 7 -19.67 7.36 -38.83
CA PRO B 7 -20.26 7.60 -40.16
C PRO B 7 -21.42 8.57 -40.07
N THR B 8 -22.02 8.88 -41.21
CA THR B 8 -23.11 9.86 -41.31
C THR B 8 -22.99 10.99 -40.27
N ARG B 9 -22.61 12.17 -40.74
CA ARG B 9 -22.38 13.32 -39.86
C ARG B 9 -23.54 13.53 -38.88
N GLU B 10 -23.38 14.50 -37.99
CA GLU B 10 -24.30 14.73 -36.89
C GLU B 10 -24.16 13.66 -35.80
N PRO B 11 -23.55 14.05 -34.68
CA PRO B 11 -23.16 13.20 -33.55
C PRO B 11 -24.36 12.64 -32.80
N GLN B 12 -24.31 11.35 -32.49
CA GLN B 12 -25.28 10.73 -31.60
C GLN B 12 -24.55 10.22 -30.38
N ILE B 13 -25.19 10.32 -29.22
CA ILE B 13 -24.55 9.88 -27.99
C ILE B 13 -25.38 8.83 -27.25
N ASN B 14 -24.71 8.00 -26.47
CA ASN B 14 -25.37 7.00 -25.64
C ASN B 14 -26.35 6.11 -26.39
N LEU B 15 -26.00 5.74 -27.61
CA LEU B 15 -26.77 4.75 -28.36
C LEU B 15 -26.65 3.39 -27.68
N PHE B 16 -25.65 3.27 -26.82
CA PHE B 16 -25.41 2.04 -26.08
C PHE B 16 -24.92 2.34 -24.67
N LYS B 17 -25.65 1.83 -23.68
CA LYS B 17 -25.27 1.99 -22.29
C LYS B 17 -24.94 0.62 -21.70
N LYS B 18 -24.64 0.58 -20.41
CA LYS B 18 -24.24 -0.68 -19.78
C LYS B 18 -25.36 -1.71 -19.78
N SER B 19 -26.60 -1.26 -19.97
CA SER B 19 -27.74 -2.16 -19.97
C SER B 19 -28.04 -2.69 -21.38
N ASN B 20 -27.46 -2.06 -22.39
CA ASN B 20 -27.57 -2.52 -23.76
C ASN B 20 -26.29 -2.27 -24.54
N PRO B 21 -25.19 -2.90 -24.11
CA PRO B 21 -23.86 -2.69 -24.71
C PRO B 21 -23.82 -3.08 -26.18
N TYR B 22 -22.75 -2.68 -26.86
CA TYR B 22 -22.51 -3.11 -28.23
C TYR B 22 -21.27 -3.99 -28.28
N LYS B 23 -21.42 -5.20 -28.80
CA LYS B 23 -20.31 -6.13 -28.88
C LYS B 23 -19.51 -5.89 -30.16
N ALA B 24 -18.18 -5.89 -30.02
CA ALA B 24 -17.29 -5.73 -31.17
C ALA B 24 -16.15 -6.74 -31.11
N LYS B 25 -15.81 -7.31 -32.25
CA LYS B 25 -14.71 -8.26 -32.32
C LYS B 25 -13.40 -7.52 -32.58
N VAL B 26 -12.33 -7.97 -31.94
CA VAL B 26 -11.02 -7.36 -32.13
C VAL B 26 -10.39 -7.82 -33.43
N ILE B 27 -10.06 -6.86 -34.30
CA ILE B 27 -9.35 -7.15 -35.54
C ILE B 27 -7.85 -7.19 -35.31
N SER B 28 -7.31 -6.17 -34.66
CA SER B 28 -5.88 -6.10 -34.39
C SER B 28 -5.57 -5.33 -33.11
N ASN B 29 -4.44 -5.68 -32.51
CA ASN B 29 -3.95 -5.02 -31.31
C ASN B 29 -2.44 -5.07 -31.28
N VAL B 30 -1.80 -4.08 -31.90
CA VAL B 30 -0.36 -4.06 -32.04
C VAL B 30 0.31 -3.02 -31.14
N LEU B 31 1.46 -3.37 -30.59
CA LEU B 31 2.23 -2.48 -29.73
C LEU B 31 2.95 -1.43 -30.57
N LEU B 32 2.94 -0.19 -30.11
CA LEU B 32 3.49 0.93 -30.88
C LEU B 32 4.77 1.49 -30.26
N THR B 33 5.04 1.11 -29.02
CA THR B 33 6.23 1.58 -28.33
C THR B 33 7.15 0.39 -28.09
N PRO B 34 8.43 0.67 -27.78
CA PRO B 34 9.37 -0.44 -27.59
C PRO B 34 8.91 -1.38 -26.49
N GLU B 35 9.12 -2.68 -26.67
CA GLU B 35 8.83 -3.64 -25.61
C GLU B 35 9.62 -3.26 -24.37
N THR B 36 9.03 -3.51 -23.20
CA THR B 36 9.68 -3.18 -21.93
C THR B 36 11.15 -3.58 -21.93
N GLY B 37 12.02 -2.67 -21.52
CA GLY B 37 13.44 -2.93 -21.48
C GLY B 37 14.16 -2.29 -22.66
N THR B 38 13.58 -2.42 -23.84
CA THR B 38 14.08 -1.71 -25.02
C THR B 38 13.74 -0.24 -24.82
N GLY B 39 14.22 0.61 -25.72
CA GLY B 39 13.83 2.00 -25.71
C GLY B 39 14.48 2.81 -24.60
N LYS B 40 14.23 4.12 -24.63
CA LYS B 40 14.95 5.07 -23.80
C LYS B 40 14.53 5.12 -22.34
N ARG B 41 13.23 4.97 -22.08
CA ARG B 41 12.74 5.06 -20.70
C ARG B 41 13.43 4.03 -19.80
N PRO B 42 14.14 4.52 -18.77
CA PRO B 42 14.93 3.69 -17.86
C PRO B 42 14.05 3.01 -16.82
N LYS B 43 14.55 1.90 -16.26
CA LYS B 43 13.80 1.12 -15.29
C LYS B 43 13.07 1.99 -14.25
N LYS B 44 13.82 2.85 -13.57
CA LYS B 44 13.26 3.67 -12.48
C LYS B 44 12.06 4.50 -12.88
N GLU B 45 11.82 4.64 -14.18
CA GLU B 45 10.70 5.44 -14.67
C GLU B 45 9.56 4.57 -15.20
N GLY B 46 9.52 3.32 -14.75
CA GLY B 46 8.46 2.41 -15.14
C GLY B 46 8.45 2.08 -16.62
N GLU B 47 7.25 1.82 -17.16
CA GLU B 47 7.09 1.42 -18.54
C GLU B 47 6.13 2.33 -19.30
N ALA B 48 6.34 2.43 -20.61
CA ALA B 48 5.42 3.17 -21.47
C ALA B 48 4.98 2.28 -22.64
N LEU B 49 3.96 1.45 -22.39
CA LEU B 49 3.47 0.50 -23.38
C LEU B 49 2.16 0.98 -23.98
N VAL B 50 2.23 1.50 -25.20
CA VAL B 50 1.05 2.04 -25.88
C VAL B 50 0.63 1.17 -27.06
N HIS B 51 -0.63 0.73 -27.05
CA HIS B 51 -1.14 -0.14 -28.10
C HIS B 51 -2.09 0.60 -29.04
N ARG B 52 -2.10 0.21 -30.30
CA ARG B 52 -3.13 0.63 -31.23
C ARG B 52 -4.12 -0.51 -31.38
N ILE B 53 -5.40 -0.22 -31.14
CA ILE B 53 -6.41 -1.27 -31.13
C ILE B 53 -7.52 -1.02 -32.14
N VAL B 54 -7.75 -2.01 -33.00
CA VAL B 54 -8.74 -1.87 -34.07
C VAL B 54 -9.89 -2.86 -33.91
N LEU B 55 -11.09 -2.32 -33.69
CA LEU B 55 -12.27 -3.16 -33.52
C LEU B 55 -13.14 -3.10 -34.77
N ALA B 56 -13.73 -4.24 -35.14
CA ALA B 56 -14.68 -4.28 -36.24
C ALA B 56 -16.09 -3.95 -35.73
N ILE B 57 -16.74 -3.00 -36.38
CA ILE B 57 -18.08 -2.60 -35.98
C ILE B 57 -19.01 -2.38 -37.17
N ASP B 58 -20.30 -2.26 -36.89
CA ASP B 58 -21.29 -1.93 -37.89
C ASP B 58 -21.57 -0.44 -37.83
N HIS B 59 -20.99 0.31 -38.76
CA HIS B 59 -21.16 1.75 -38.80
C HIS B 59 -22.64 2.16 -38.84
N SER B 60 -23.50 1.22 -39.20
CA SER B 60 -24.93 1.46 -39.22
C SER B 60 -25.50 1.54 -37.80
N ALA B 61 -24.95 0.73 -36.90
CA ALA B 61 -25.46 0.63 -35.54
C ALA B 61 -24.68 1.51 -34.57
N TYR B 62 -23.48 1.91 -34.97
CA TYR B 62 -22.62 2.74 -34.13
C TYR B 62 -22.02 3.87 -34.96
N PRO B 63 -22.87 4.82 -35.38
CA PRO B 63 -22.50 5.93 -36.27
C PRO B 63 -21.72 7.01 -35.54
N TYR B 64 -20.48 6.73 -35.17
CA TYR B 64 -19.68 7.68 -34.41
C TYR B 64 -19.14 8.81 -35.29
N VAL B 65 -18.73 9.90 -34.65
CA VAL B 65 -18.09 10.99 -35.35
C VAL B 65 -16.75 11.28 -34.68
N ILE B 66 -15.70 11.39 -35.49
CA ILE B 66 -14.37 11.63 -34.97
C ILE B 66 -14.39 12.80 -33.98
N GLY B 67 -13.67 12.64 -32.88
CA GLY B 67 -13.69 13.62 -31.80
C GLY B 67 -14.55 13.13 -30.65
N GLN B 68 -15.28 12.05 -30.89
CA GLN B 68 -16.09 11.43 -29.85
C GLN B 68 -15.29 10.38 -29.09
N SER B 69 -15.87 9.88 -28.01
CA SER B 69 -15.24 8.84 -27.21
C SER B 69 -16.06 7.56 -27.28
N GLY B 70 -15.36 6.43 -27.25
CA GLY B 70 -16.02 5.14 -27.09
C GLY B 70 -15.84 4.67 -25.67
N GLY B 71 -16.79 3.90 -25.17
CA GLY B 71 -16.72 3.38 -23.81
C GLY B 71 -16.54 1.87 -23.78
N VAL B 72 -15.70 1.41 -22.87
CA VAL B 72 -15.48 -0.03 -22.72
C VAL B 72 -15.87 -0.47 -21.31
N ILE B 73 -16.37 -1.70 -21.20
CA ILE B 73 -16.67 -2.29 -19.90
C ILE B 73 -15.82 -3.53 -19.69
N PRO B 74 -14.80 -3.43 -18.82
CA PRO B 74 -13.87 -4.52 -18.56
C PRO B 74 -14.59 -5.68 -17.88
N PRO B 75 -14.35 -6.91 -18.35
CA PRO B 75 -14.96 -8.10 -17.76
C PRO B 75 -14.59 -8.24 -16.29
N GLY B 76 -15.53 -8.69 -15.46
CA GLY B 76 -15.24 -8.98 -14.07
C GLY B 76 -16.05 -8.19 -13.07
N GLU B 77 -15.72 -8.37 -11.79
CA GLU B 77 -16.42 -7.69 -10.70
C GLU B 77 -15.49 -6.75 -9.96
N ASP B 78 -15.87 -5.48 -9.88
CA ASP B 78 -15.09 -4.47 -9.18
C ASP B 78 -15.00 -4.78 -7.69
N PRO B 79 -13.80 -5.12 -7.21
CA PRO B 79 -13.56 -5.48 -5.81
C PRO B 79 -14.14 -4.45 -4.84
N GLU B 80 -13.86 -3.17 -5.09
CA GLU B 80 -14.35 -2.10 -4.23
C GLU B 80 -15.87 -2.11 -4.15
N LYS B 81 -16.51 -2.40 -5.28
CA LYS B 81 -17.97 -2.41 -5.35
C LYS B 81 -18.55 -3.58 -4.56
N LYS B 82 -17.92 -4.75 -4.68
CA LYS B 82 -18.35 -5.93 -3.95
C LYS B 82 -18.19 -5.70 -2.45
N ALA B 83 -17.08 -5.10 -2.06
CA ALA B 83 -16.80 -4.80 -0.67
C ALA B 83 -17.83 -3.82 -0.11
N LYS B 84 -18.19 -2.83 -0.91
CA LYS B 84 -19.25 -1.89 -0.54
C LYS B 84 -20.62 -2.53 -0.73
N GLY B 85 -20.63 -3.71 -1.33
CA GLY B 85 -21.86 -4.44 -1.60
C GLY B 85 -22.88 -3.58 -2.32
N LEU B 86 -22.77 -3.53 -3.65
CA LEU B 86 -23.59 -2.62 -4.44
C LEU B 86 -24.68 -3.30 -5.25
N ALA B 87 -24.53 -4.60 -5.48
CA ALA B 87 -25.45 -5.35 -6.34
C ALA B 87 -25.25 -5.01 -7.81
N ASP B 88 -24.61 -3.87 -8.07
CA ASP B 88 -24.15 -3.51 -9.39
C ASP B 88 -22.85 -4.27 -9.65
N VAL B 89 -21.84 -3.93 -8.86
CA VAL B 89 -20.61 -4.71 -8.78
C VAL B 89 -19.75 -4.73 -10.06
N GLY B 90 -20.41 -4.65 -11.21
CA GLY B 90 -19.70 -4.63 -12.48
C GLY B 90 -18.83 -3.40 -12.62
N TYR B 91 -17.67 -3.56 -13.26
CA TYR B 91 -16.76 -2.44 -13.48
C TYR B 91 -17.45 -1.29 -14.21
N THR B 92 -17.21 -0.07 -13.74
CA THR B 92 -17.76 1.10 -14.38
C THR B 92 -17.03 1.38 -15.71
N VAL B 93 -17.72 2.07 -16.61
CA VAL B 93 -17.19 2.31 -17.95
C VAL B 93 -15.90 3.13 -17.96
N ARG B 94 -14.98 2.75 -18.84
CA ARG B 94 -13.80 3.57 -19.13
C ARG B 94 -13.91 4.16 -20.54
N LEU B 95 -13.62 5.45 -20.67
CA LEU B 95 -13.70 6.13 -21.96
C LEU B 95 -12.35 6.19 -22.69
N TYR B 96 -12.41 6.12 -24.02
CA TYR B 96 -11.20 6.24 -24.84
C TYR B 96 -11.47 7.03 -26.11
N SER B 97 -10.58 7.96 -26.41
CA SER B 97 -10.74 8.81 -27.60
C SER B 97 -10.67 7.99 -28.88
N ILE B 98 -11.75 8.03 -29.65
CA ILE B 98 -11.78 7.39 -30.95
C ILE B 98 -10.69 7.98 -31.84
N ALA B 99 -9.82 7.12 -32.35
CA ALA B 99 -8.65 7.57 -33.11
C ALA B 99 -8.83 7.44 -34.61
N SER B 100 -9.81 6.65 -35.03
CA SER B 100 -10.09 6.45 -36.45
C SER B 100 -11.01 7.56 -36.96
N PRO B 101 -10.88 7.92 -38.25
CA PRO B 101 -11.72 8.96 -38.84
C PRO B 101 -13.17 8.49 -38.95
N SER B 102 -14.10 9.43 -39.01
CA SER B 102 -15.53 9.12 -39.03
C SER B 102 -15.87 7.82 -39.77
N TYR B 103 -15.53 7.76 -41.05
CA TYR B 103 -15.88 6.61 -41.87
C TYR B 103 -14.74 5.59 -41.98
N SER B 104 -13.84 5.59 -40.99
CA SER B 104 -12.67 4.71 -40.99
C SER B 104 -11.66 5.14 -42.05
N PHE B 105 -10.41 4.68 -41.89
CA PHE B 105 -9.40 4.91 -42.91
C PHE B 105 -9.85 4.29 -44.23
N GLY B 106 -9.70 5.02 -45.32
CA GLY B 106 -10.14 4.54 -46.61
C GLY B 106 -11.65 4.48 -46.72
N MET B 107 -12.33 5.07 -45.74
CA MET B 107 -13.79 5.12 -45.72
C MET B 107 -14.44 3.76 -45.96
N LYS B 108 -13.84 2.71 -45.42
CA LYS B 108 -14.39 1.36 -45.52
C LYS B 108 -15.60 1.19 -44.61
N GLU B 109 -15.72 2.07 -43.62
CA GLU B 109 -16.80 1.99 -42.64
C GLU B 109 -16.87 0.60 -42.02
N ASP B 110 -15.70 0.00 -41.79
CA ASP B 110 -15.62 -1.36 -41.30
C ASP B 110 -15.15 -1.47 -39.86
N ASN B 111 -14.47 -0.44 -39.36
CA ASN B 111 -13.86 -0.52 -38.04
C ASN B 111 -13.87 0.75 -37.20
N ILE B 112 -13.28 0.66 -36.01
CA ILE B 112 -13.07 1.80 -35.12
C ILE B 112 -11.78 1.53 -34.34
N GLU B 113 -11.02 2.58 -34.07
CA GLU B 113 -9.69 2.39 -33.48
C GLU B 113 -9.45 3.19 -32.21
N PHE B 114 -8.54 2.70 -31.37
CA PHE B 114 -8.17 3.37 -30.13
C PHE B 114 -6.66 3.38 -29.94
N ILE B 115 -6.18 4.39 -29.22
CA ILE B 115 -4.76 4.46 -28.84
C ILE B 115 -4.66 4.41 -27.32
N ILE B 116 -4.41 3.21 -26.80
CA ILE B 116 -4.51 2.97 -25.36
C ILE B 116 -3.16 2.63 -24.73
N LYS B 117 -2.91 3.20 -23.55
CA LYS B 117 -1.67 2.93 -22.82
C LYS B 117 -1.95 2.22 -21.49
N ARG B 118 -1.14 1.22 -21.18
CA ARG B 118 -1.22 0.56 -19.88
C ARG B 118 -1.04 1.57 -18.77
N ASP B 119 -2.10 1.79 -18.00
CA ASP B 119 -2.08 2.79 -16.93
C ASP B 119 -1.70 2.15 -15.60
N ASN B 120 -0.41 2.09 -15.31
CA ASN B 120 0.08 1.50 -14.07
C ASN B 120 0.73 2.54 -13.16
N ILE B 121 1.20 2.12 -12.00
CA ILE B 121 1.70 3.07 -11.00
C ILE B 121 3.21 3.03 -10.79
N TYR B 122 3.75 1.87 -10.46
CA TYR B 122 5.17 1.77 -10.13
C TYR B 122 5.50 2.64 -8.93
N ASN B 125 11.78 3.17 -7.55
CA ASN B 125 11.74 1.71 -7.63
C ASN B 125 11.78 1.18 -9.06
N GLY B 126 10.74 1.47 -9.83
CA GLY B 126 10.70 1.08 -11.23
C GLY B 126 9.83 -0.13 -11.50
N ASN B 127 9.51 -0.88 -10.45
CA ASN B 127 8.67 -2.07 -10.58
C ASN B 127 7.20 -1.76 -10.31
N ILE B 128 6.32 -2.56 -10.94
CA ILE B 128 4.89 -2.30 -10.88
C ILE B 128 4.33 -2.34 -9.45
N GLN B 129 3.43 -1.41 -9.16
CA GLN B 129 2.84 -1.31 -7.83
C GLN B 129 1.32 -1.45 -7.90
N PHE B 130 0.71 -0.75 -8.86
CA PHE B 130 -0.71 -0.88 -9.12
C PHE B 130 -0.96 -1.05 -10.61
N LYS B 131 -2.06 -1.71 -10.95
CA LYS B 131 -2.31 -2.09 -12.33
C LYS B 131 -3.71 -1.67 -12.78
N GLY B 132 -3.78 -0.73 -13.72
CA GLY B 132 -5.05 -0.26 -14.25
C GLY B 132 -5.85 -1.38 -14.88
N VAL B 133 -7.13 -1.48 -14.50
CA VAL B 133 -7.98 -2.59 -14.93
C VAL B 133 -8.27 -2.60 -16.44
N CYS B 134 -8.92 -1.55 -16.92
CA CYS B 134 -9.40 -1.54 -18.30
C CYS B 134 -8.29 -1.39 -19.35
N SER B 135 -7.35 -0.49 -19.10
CA SER B 135 -6.27 -0.26 -20.06
C SER B 135 -5.47 -1.52 -20.33
N ASN B 136 -5.23 -2.31 -19.28
CA ASN B 136 -4.51 -3.56 -19.43
C ASN B 136 -5.37 -4.62 -20.11
N TYR B 137 -6.65 -4.66 -19.78
CA TYR B 137 -7.57 -5.56 -20.43
C TYR B 137 -7.51 -5.34 -21.92
N MET B 138 -7.64 -4.08 -22.32
CA MET B 138 -7.59 -3.71 -23.73
C MET B 138 -6.27 -4.12 -24.38
N CYS B 139 -5.15 -3.72 -23.76
CA CYS B 139 -3.83 -4.00 -24.30
C CYS B 139 -3.51 -5.49 -24.31
N ASP B 140 -4.34 -6.28 -23.65
CA ASP B 140 -4.15 -7.74 -23.61
C ASP B 140 -5.09 -8.45 -24.58
N LEU B 141 -5.90 -7.67 -25.30
CA LEU B 141 -6.83 -8.23 -26.27
C LEU B 141 -6.10 -9.03 -27.35
N LYS B 142 -6.70 -10.15 -27.74
CA LYS B 142 -6.19 -10.95 -28.84
C LYS B 142 -7.18 -10.89 -29.98
N PRO B 143 -6.67 -10.94 -31.22
CA PRO B 143 -7.54 -10.92 -32.39
C PRO B 143 -8.63 -11.97 -32.24
N GLY B 144 -9.89 -11.57 -32.41
CA GLY B 144 -11.00 -12.49 -32.28
C GLY B 144 -11.78 -12.31 -30.98
N ASP B 145 -11.13 -11.71 -29.99
CA ASP B 145 -11.79 -11.43 -28.71
C ASP B 145 -12.98 -10.51 -28.93
N GLU B 146 -13.89 -10.49 -27.96
CA GLU B 146 -15.05 -9.61 -28.04
C GLU B 146 -14.96 -8.51 -27.00
N VAL B 147 -15.25 -7.28 -27.41
CA VAL B 147 -15.20 -6.14 -26.51
C VAL B 147 -16.58 -5.55 -26.26
N THR B 148 -16.93 -5.40 -24.98
CA THR B 148 -18.19 -4.79 -24.60
C THR B 148 -18.08 -3.28 -24.71
N MET B 149 -18.91 -2.67 -25.55
CA MET B 149 -18.80 -1.24 -25.82
C MET B 149 -19.99 -0.40 -25.39
N THR B 150 -19.74 0.90 -25.23
CA THR B 150 -20.74 1.87 -24.82
C THR B 150 -20.59 3.11 -25.69
N GLY B 151 -21.64 3.92 -25.79
CA GLY B 151 -21.54 5.20 -26.47
C GLY B 151 -22.29 5.27 -27.78
N PRO B 152 -21.85 6.17 -28.68
CA PRO B 152 -20.70 7.06 -28.51
C PRO B 152 -20.91 8.06 -27.37
N SER B 153 -19.82 8.68 -26.92
CA SER B 153 -19.88 9.60 -25.78
C SER B 153 -19.24 10.94 -26.08
N GLY B 154 -20.00 12.02 -25.88
CA GLY B 154 -19.48 13.36 -26.07
C GLY B 154 -19.90 13.97 -27.39
N LYS B 155 -20.20 15.27 -27.36
CA LYS B 155 -20.53 15.99 -28.58
C LYS B 155 -20.15 17.47 -28.51
N LYS B 156 -18.98 17.73 -27.93
CA LYS B 156 -18.42 19.08 -27.90
C LYS B 156 -17.12 19.13 -28.69
N PHE B 157 -16.25 18.15 -28.46
CA PHE B 157 -14.95 18.05 -29.11
C PHE B 157 -15.12 17.56 -30.55
N LEU B 158 -15.52 18.47 -31.45
CA LEU B 158 -15.81 18.09 -32.83
C LEU B 158 -15.19 19.02 -33.86
N LEU B 159 -15.10 18.54 -35.09
CA LEU B 159 -14.64 19.36 -36.22
C LEU B 159 -15.81 20.15 -36.79
N PRO B 160 -15.52 21.25 -37.50
CA PRO B 160 -16.58 22.01 -38.15
C PRO B 160 -17.40 21.11 -39.07
N ASN B 161 -18.71 21.28 -39.11
CA ASN B 161 -19.56 20.46 -39.96
C ASN B 161 -19.87 21.14 -41.28
N THR B 162 -19.29 22.32 -41.49
CA THR B 162 -19.41 23.02 -42.76
C THR B 162 -18.05 23.52 -43.21
N ASP B 163 -17.92 23.86 -44.49
CA ASP B 163 -16.67 24.35 -45.04
C ASP B 163 -15.98 25.31 -44.08
N PHE B 164 -14.66 25.20 -43.96
CA PHE B 164 -13.91 25.97 -42.99
C PHE B 164 -12.65 26.58 -43.58
N SER B 165 -12.33 27.80 -43.19
CA SER B 165 -11.21 28.53 -43.76
C SER B 165 -10.16 28.92 -42.71
N GLY B 166 -10.55 28.85 -41.45
CA GLY B 166 -9.64 29.20 -40.37
C GLY B 166 -8.59 28.13 -40.13
N ASP B 167 -7.48 28.53 -39.53
CA ASP B 167 -6.43 27.58 -39.18
C ASP B 167 -6.84 26.75 -37.98
N ILE B 168 -6.32 25.54 -37.89
CA ILE B 168 -6.61 24.66 -36.75
C ILE B 168 -5.32 24.18 -36.09
N MET B 169 -5.26 24.31 -34.77
CA MET B 169 -4.09 23.84 -34.03
C MET B 169 -4.45 22.68 -33.11
N PHE B 170 -3.82 21.53 -33.35
CA PHE B 170 -4.01 20.37 -32.48
C PHE B 170 -2.89 20.30 -31.45
N LEU B 171 -3.28 20.22 -30.18
CA LEU B 171 -2.32 20.14 -29.08
C LEU B 171 -2.53 18.84 -28.31
N ALA B 172 -1.55 17.95 -28.37
CA ALA B 172 -1.70 16.63 -27.79
C ALA B 172 -0.51 16.21 -26.93
N THR B 173 -0.80 15.43 -25.90
CA THR B 173 0.24 14.84 -25.07
C THR B 173 -0.06 13.37 -24.85
N GLY B 174 0.91 12.51 -25.14
CA GLY B 174 0.73 11.08 -25.00
C GLY B 174 -0.43 10.58 -25.83
N THR B 175 -1.29 9.77 -25.21
CA THR B 175 -2.44 9.20 -25.89
C THR B 175 -3.40 10.27 -26.41
N GLY B 176 -3.23 11.50 -25.97
CA GLY B 176 -4.06 12.60 -26.43
C GLY B 176 -3.96 12.82 -27.93
N ILE B 177 -3.01 12.13 -28.56
CA ILE B 177 -2.81 12.23 -30.00
C ILE B 177 -3.95 11.54 -30.75
N ALA B 178 -4.65 10.65 -30.06
CA ALA B 178 -5.65 9.79 -30.68
C ALA B 178 -6.62 10.53 -31.61
N PRO B 179 -7.42 11.45 -31.07
CA PRO B 179 -8.45 12.10 -31.89
C PRO B 179 -7.87 12.84 -33.09
N PHE B 180 -6.61 13.25 -32.98
CA PHE B 180 -5.99 14.07 -34.01
C PHE B 180 -5.47 13.26 -35.20
N ILE B 181 -5.32 11.94 -35.01
CA ILE B 181 -5.00 11.08 -36.13
C ILE B 181 -6.20 11.07 -37.06
N GLY B 182 -7.35 10.67 -36.54
CA GLY B 182 -8.57 10.61 -37.32
C GLY B 182 -8.92 11.95 -37.94
N MET B 183 -8.87 13.00 -37.13
CA MET B 183 -9.18 14.34 -37.62
C MET B 183 -8.25 14.78 -38.75
N SER B 184 -6.97 14.48 -38.62
CA SER B 184 -5.99 14.84 -39.64
C SER B 184 -6.28 14.15 -40.97
N GLU B 185 -6.59 12.86 -40.91
CA GLU B 185 -6.90 12.09 -42.11
C GLU B 185 -8.19 12.61 -42.75
N GLU B 186 -9.17 12.91 -41.91
CA GLU B 186 -10.47 13.36 -42.39
C GLU B 186 -10.42 14.72 -43.07
N LEU B 187 -9.64 15.64 -42.52
CA LEU B 187 -9.54 16.99 -43.06
C LEU B 187 -8.70 17.02 -44.33
N LEU B 188 -7.65 16.22 -44.38
CA LEU B 188 -6.70 16.25 -45.48
C LEU B 188 -7.01 15.27 -46.63
N GLU B 189 -7.73 14.18 -46.32
CA GLU B 189 -7.97 13.14 -47.31
C GLU B 189 -9.45 12.90 -47.62
N HIS B 190 -10.27 12.82 -46.58
CA HIS B 190 -11.69 12.50 -46.74
C HIS B 190 -12.50 13.69 -47.23
N LYS B 191 -12.08 14.88 -46.85
CA LYS B 191 -12.71 16.11 -47.31
C LYS B 191 -14.23 16.05 -47.25
N LEU B 192 -14.77 15.71 -46.09
CA LEU B 192 -16.20 15.76 -45.86
C LEU B 192 -16.64 17.22 -45.89
N ILE B 193 -15.66 18.10 -45.90
CA ILE B 193 -15.87 19.53 -45.98
C ILE B 193 -14.69 20.16 -46.71
N LYS B 194 -14.90 21.32 -47.33
CA LYS B 194 -13.81 22.04 -47.96
C LYS B 194 -13.02 22.82 -46.90
N PHE B 195 -11.89 22.26 -46.49
CA PHE B 195 -11.03 22.90 -45.51
C PHE B 195 -9.87 23.61 -46.21
N THR B 196 -9.74 24.91 -45.96
CA THR B 196 -8.72 25.71 -46.63
C THR B 196 -7.77 26.38 -45.66
N GLY B 197 -7.82 25.96 -44.40
CA GLY B 197 -6.95 26.51 -43.37
C GLY B 197 -5.68 25.71 -43.21
N ASN B 198 -4.81 26.14 -42.30
CA ASN B 198 -3.58 25.42 -42.01
C ASN B 198 -3.64 24.65 -40.71
N ILE B 199 -3.23 23.39 -40.75
CA ILE B 199 -3.21 22.55 -39.55
C ILE B 199 -1.83 22.51 -38.93
N THR B 200 -1.75 22.86 -37.66
CA THR B 200 -0.51 22.76 -36.91
C THR B 200 -0.68 21.77 -35.78
N LEU B 201 0.03 20.65 -35.85
CA LEU B 201 -0.09 19.62 -34.82
C LEU B 201 1.10 19.64 -33.87
N VAL B 202 0.85 20.02 -32.63
CA VAL B 202 1.87 20.06 -31.60
C VAL B 202 1.69 18.86 -30.68
N TYR B 203 2.67 17.97 -30.67
CA TYR B 203 2.53 16.67 -30.05
C TYR B 203 3.66 16.41 -29.08
N GLY B 204 3.33 16.11 -27.83
CA GLY B 204 4.34 15.91 -26.81
C GLY B 204 4.33 14.57 -26.12
N ALA B 205 5.52 14.10 -25.75
CA ALA B 205 5.68 12.86 -24.99
C ALA B 205 7.04 12.87 -24.28
N PRO B 206 7.24 11.94 -23.34
CA PRO B 206 8.50 11.89 -22.57
C PRO B 206 9.73 11.60 -23.41
N TYR B 207 9.67 10.58 -24.26
CA TYR B 207 10.80 10.22 -25.11
C TYR B 207 10.40 10.08 -26.57
N SER B 208 11.37 10.27 -27.46
CA SER B 208 11.15 10.18 -28.90
C SER B 208 10.46 8.87 -29.29
N ASP B 209 10.80 7.79 -28.61
CA ASP B 209 10.24 6.48 -28.93
C ASP B 209 8.86 6.28 -28.31
N GLU B 210 8.37 7.29 -27.60
CA GLU B 210 7.03 7.24 -27.03
C GLU B 210 6.05 8.10 -27.83
N LEU B 211 6.59 8.80 -28.82
CA LEU B 211 5.77 9.42 -29.86
C LEU B 211 5.28 8.33 -30.80
N VAL B 212 3.97 8.12 -30.86
CA VAL B 212 3.41 7.06 -31.70
C VAL B 212 2.87 7.60 -33.02
N MET B 213 2.67 6.69 -33.98
CA MET B 213 2.10 7.03 -35.28
C MET B 213 2.98 8.01 -36.06
N MET B 214 4.22 8.17 -35.62
CA MET B 214 5.11 9.16 -36.20
C MET B 214 5.32 9.00 -37.71
N ASP B 215 5.55 7.76 -38.15
CA ASP B 215 5.69 7.50 -39.57
C ASP B 215 4.52 8.11 -40.33
N TYR B 216 3.31 7.82 -39.85
CA TYR B 216 2.10 8.33 -40.48
C TYR B 216 2.01 9.85 -40.43
N LEU B 217 2.31 10.43 -39.27
CA LEU B 217 2.23 11.88 -39.09
C LEU B 217 3.26 12.63 -39.94
N LYS B 218 4.51 12.19 -39.86
CA LYS B 218 5.57 12.79 -40.66
C LYS B 218 5.23 12.71 -42.14
N GLY B 219 4.63 11.60 -42.53
CA GLY B 219 4.18 11.41 -43.91
C GLY B 219 3.13 12.43 -44.29
N LEU B 220 2.21 12.70 -43.37
CA LEU B 220 1.19 13.71 -43.60
C LEU B 220 1.83 15.08 -43.84
N GLU B 221 2.89 15.36 -43.09
CA GLU B 221 3.56 16.65 -43.18
C GLU B 221 4.23 16.85 -44.53
N SER B 222 4.89 15.81 -45.03
CA SER B 222 5.63 15.91 -46.27
C SER B 222 4.73 15.86 -47.50
N LYS B 223 3.48 15.47 -47.31
CA LYS B 223 2.55 15.32 -48.43
C LYS B 223 1.67 16.53 -48.67
N HIS B 224 1.65 17.49 -47.75
CA HIS B 224 0.60 18.51 -47.77
C HIS B 224 1.01 19.99 -47.77
N LYS B 225 1.95 20.37 -46.90
CA LYS B 225 2.27 21.78 -46.67
C LYS B 225 1.11 22.39 -45.88
N ASN B 226 -0.08 21.87 -46.13
CA ASN B 226 -1.30 22.21 -45.41
C ASN B 226 -1.18 21.83 -43.94
N PHE B 227 -0.11 21.12 -43.59
CA PHE B 227 0.00 20.45 -42.30
C PHE B 227 1.42 20.48 -41.77
N LYS B 228 1.63 21.14 -40.63
CA LYS B 228 2.95 21.18 -39.99
C LYS B 228 2.96 20.37 -38.69
N LEU B 229 4.07 19.69 -38.44
CA LEU B 229 4.20 18.83 -37.27
C LEU B 229 5.32 19.27 -36.34
N ILE B 230 4.96 19.56 -35.10
CA ILE B 230 5.92 19.94 -34.08
C ILE B 230 5.82 18.99 -32.90
N THR B 231 6.96 18.63 -32.31
CA THR B 231 6.96 17.73 -31.16
C THR B 231 7.60 18.37 -29.94
N ALA B 232 7.17 17.94 -28.76
CA ALA B 232 7.77 18.35 -27.51
C ALA B 232 8.16 17.12 -26.69
N ILE B 233 9.42 16.73 -26.79
CA ILE B 233 9.93 15.56 -26.09
C ILE B 233 10.51 15.99 -24.74
N SER B 234 9.67 15.95 -23.71
CA SER B 234 9.94 16.61 -22.44
C SER B 234 11.20 16.18 -21.71
N ARG B 235 11.58 14.91 -21.86
CA ARG B 235 12.72 14.39 -21.11
C ARG B 235 13.99 14.29 -21.96
N GLU B 236 13.96 14.90 -23.13
CA GLU B 236 15.14 14.94 -24.01
C GLU B 236 15.38 16.37 -24.49
N GLU B 237 14.45 17.26 -24.20
CA GLU B 237 14.55 18.64 -24.63
C GLU B 237 14.21 19.61 -23.51
N LYS B 238 14.97 20.70 -23.43
CA LYS B 238 14.65 21.78 -22.50
C LYS B 238 14.24 23.01 -23.30
N ASN B 239 13.22 23.72 -22.84
CA ASN B 239 12.76 24.90 -23.57
C ASN B 239 13.74 26.07 -23.45
N SER B 240 13.65 27.00 -24.39
CA SER B 240 14.60 28.11 -24.48
C SER B 240 14.26 29.24 -23.52
N PHE B 241 13.10 29.18 -22.90
CA PHE B 241 12.61 30.29 -22.08
C PHE B 241 13.07 30.22 -20.63
N ASP B 242 12.86 29.08 -19.97
CA ASP B 242 13.26 28.93 -18.58
C ASP B 242 14.19 27.73 -18.36
N GLY B 243 14.54 27.04 -19.44
CA GLY B 243 15.46 25.94 -19.37
C GLY B 243 14.89 24.69 -18.74
N GLY B 244 13.57 24.69 -18.51
CA GLY B 244 12.90 23.53 -17.96
C GLY B 244 12.57 22.52 -19.03
N ARG B 245 11.81 21.49 -18.67
CA ARG B 245 11.40 20.48 -19.64
C ARG B 245 10.62 21.10 -20.79
N MET B 246 10.78 20.54 -21.98
CA MET B 246 10.06 21.03 -23.16
C MET B 246 8.66 20.48 -23.23
N TYR B 247 7.67 21.32 -22.94
CA TYR B 247 6.27 20.92 -23.06
C TYR B 247 5.64 21.55 -24.29
N ILE B 248 4.47 21.04 -24.69
CA ILE B 248 3.76 21.59 -25.84
C ILE B 248 3.44 23.06 -25.61
N SER B 249 3.32 23.46 -24.35
CA SER B 249 3.03 24.84 -24.01
C SER B 249 4.14 25.77 -24.48
N HIS B 250 5.39 25.32 -24.38
CA HIS B 250 6.53 26.11 -24.81
C HIS B 250 6.60 26.16 -26.32
N ARG B 251 6.07 25.12 -26.98
CA ARG B 251 6.00 25.10 -28.43
C ARG B 251 4.98 26.12 -28.90
N VAL B 252 3.88 26.22 -28.17
CA VAL B 252 2.86 27.23 -28.46
C VAL B 252 3.49 28.61 -28.46
N ARG B 253 4.29 28.88 -27.42
CA ARG B 253 4.96 30.17 -27.29
C ARG B 253 5.87 30.44 -28.47
N GLU B 254 6.51 29.38 -28.99
CA GLU B 254 7.37 29.50 -30.15
C GLU B 254 6.57 29.72 -31.43
N GLN B 255 5.32 29.26 -31.43
CA GLN B 255 4.45 29.42 -32.59
C GLN B 255 3.50 30.60 -32.42
N ALA B 256 4.03 31.70 -31.91
CA ALA B 256 3.24 32.89 -31.59
C ALA B 256 2.33 33.31 -32.75
N GLU B 257 2.86 33.28 -33.97
CA GLU B 257 2.12 33.78 -35.12
C GLU B 257 1.03 32.84 -35.61
N ALA B 258 1.32 31.54 -35.65
CA ALA B 258 0.30 30.57 -35.98
C ALA B 258 -0.82 30.69 -34.96
N VAL B 259 -0.44 30.96 -33.71
CA VAL B 259 -1.40 31.17 -32.64
C VAL B 259 -2.23 32.42 -32.88
N LYS B 260 -1.57 33.52 -33.25
CA LYS B 260 -2.26 34.76 -33.54
C LYS B 260 -3.18 34.62 -34.75
N LYS B 261 -2.71 33.91 -35.77
CA LYS B 261 -3.51 33.65 -36.96
C LYS B 261 -4.85 33.03 -36.57
N ILE B 262 -4.81 32.12 -35.61
CA ILE B 262 -6.02 31.43 -35.16
C ILE B 262 -6.90 32.33 -34.29
N LEU B 263 -6.27 33.15 -33.47
CA LEU B 263 -7.01 34.05 -32.58
C LEU B 263 -7.77 35.12 -33.35
N ASN B 264 -7.22 35.54 -34.48
CA ASN B 264 -7.81 36.62 -35.28
C ASN B 264 -8.47 36.13 -36.56
N GLY B 265 -8.21 34.87 -36.92
CA GLY B 265 -8.71 34.34 -38.17
C GLY B 265 -9.82 33.32 -38.01
N GLY B 266 -10.47 33.33 -36.85
CA GLY B 266 -11.57 32.42 -36.58
C GLY B 266 -11.17 30.95 -36.57
N GLY B 267 -9.91 30.70 -36.22
CA GLY B 267 -9.42 29.33 -36.14
C GLY B 267 -9.84 28.64 -34.86
N ARG B 268 -9.42 27.38 -34.70
CA ARG B 268 -9.79 26.60 -33.52
C ARG B 268 -8.59 26.01 -32.81
N PHE B 269 -8.74 25.81 -31.50
CA PHE B 269 -7.72 25.13 -30.70
C PHE B 269 -8.31 23.85 -30.12
N TYR B 270 -7.66 22.73 -30.40
CA TYR B 270 -8.03 21.45 -29.80
C TYR B 270 -6.91 21.00 -28.87
N ILE B 271 -7.24 20.78 -27.60
CA ILE B 271 -6.27 20.33 -26.61
C ILE B 271 -6.72 18.99 -26.03
N CYS B 272 -5.87 17.98 -26.14
CA CYS B 272 -6.21 16.65 -25.66
C CYS B 272 -5.01 15.92 -25.07
N GLY B 273 -5.25 15.15 -24.03
CA GLY B 273 -4.19 14.37 -23.40
C GLY B 273 -4.12 14.54 -21.90
N GLY B 274 -3.01 14.15 -21.30
CA GLY B 274 -2.83 14.27 -19.87
C GLY B 274 -1.61 15.09 -19.49
N PRO B 275 -1.42 15.32 -18.19
CA PRO B 275 -2.33 14.83 -17.15
C PRO B 275 -3.52 15.77 -17.02
N LYS B 276 -4.46 15.41 -16.14
CA LYS B 276 -5.66 16.21 -15.94
C LYS B 276 -5.30 17.68 -15.69
N GLY B 277 -5.96 18.57 -16.42
CA GLY B 277 -5.75 19.99 -16.26
C GLY B 277 -4.44 20.49 -16.86
N MET B 278 -3.92 19.76 -17.84
CA MET B 278 -2.69 20.18 -18.52
C MET B 278 -2.99 21.30 -19.51
N GLU B 279 -4.27 21.55 -19.74
CA GLU B 279 -4.68 22.60 -20.66
C GLU B 279 -4.37 23.99 -20.11
N LYS B 280 -4.39 24.12 -18.79
CA LYS B 280 -4.16 25.40 -18.15
C LYS B 280 -2.90 26.08 -18.70
N GLY B 281 -1.78 25.37 -18.62
CA GLY B 281 -0.51 25.91 -19.08
C GLY B 281 -0.53 26.29 -20.54
N VAL B 282 -1.15 25.45 -21.36
CA VAL B 282 -1.27 25.73 -22.79
C VAL B 282 -2.16 26.95 -23.02
N ILE B 283 -3.30 26.99 -22.35
CA ILE B 283 -4.26 28.07 -22.53
C ILE B 283 -3.70 29.43 -22.12
N GLU B 284 -3.08 29.49 -20.95
CA GLU B 284 -2.55 30.77 -20.47
C GLU B 284 -1.29 31.19 -21.23
N GLU B 285 -0.79 30.31 -22.09
CA GLU B 285 0.29 30.68 -23.00
C GLU B 285 -0.33 31.34 -24.23
N ILE B 286 -1.49 30.82 -24.63
CA ILE B 286 -2.24 31.41 -25.72
C ILE B 286 -2.74 32.79 -25.31
N GLN B 287 -3.04 32.95 -24.03
CA GLN B 287 -3.54 34.21 -23.51
C GLN B 287 -2.46 35.28 -23.52
N LYS B 288 -1.24 34.90 -23.14
CA LYS B 288 -0.11 35.82 -23.19
C LYS B 288 0.03 36.38 -24.59
N ILE B 289 -0.10 35.51 -25.59
CA ILE B 289 0.07 35.90 -26.99
C ILE B 289 -1.03 36.84 -27.45
N SER B 290 -2.26 36.59 -27.00
CA SER B 290 -3.38 37.46 -27.35
C SER B 290 -3.25 38.80 -26.65
N GLY B 291 -2.64 38.79 -25.46
CA GLY B 291 -2.44 40.00 -24.70
C GLY B 291 -3.59 40.34 -23.79
N ASN B 292 -4.69 39.60 -23.93
CA ASN B 292 -5.86 39.78 -23.08
C ASN B 292 -5.51 39.54 -21.61
N THR B 293 -5.97 40.44 -20.74
CA THR B 293 -5.59 40.38 -19.32
C THR B 293 -6.74 40.02 -18.38
N GLY B 294 -7.82 39.49 -18.93
CA GLY B 294 -8.90 38.97 -18.10
C GLY B 294 -8.39 37.79 -17.29
N THR B 295 -9.23 37.26 -16.42
CA THR B 295 -8.84 36.09 -15.64
C THR B 295 -8.70 34.90 -16.57
N TYR B 296 -7.91 33.92 -16.15
CA TYR B 296 -7.72 32.71 -16.95
C TYR B 296 -9.06 32.14 -17.40
N GLU B 297 -10.01 32.10 -16.47
CA GLU B 297 -11.29 31.46 -16.76
C GLU B 297 -12.14 32.32 -17.70
N GLU B 298 -12.03 33.65 -17.57
CA GLU B 298 -12.76 34.55 -18.45
C GLU B 298 -12.28 34.39 -19.89
N PHE B 299 -10.96 34.20 -20.03
CA PHE B 299 -10.37 34.02 -21.35
C PHE B 299 -10.74 32.66 -21.92
N LYS B 300 -10.68 31.64 -21.07
CA LYS B 300 -11.00 30.28 -21.50
C LYS B 300 -12.45 30.11 -21.91
N HIS B 301 -13.37 30.64 -21.10
CA HIS B 301 -14.79 30.52 -21.39
C HIS B 301 -15.16 31.32 -22.63
N HIS B 302 -14.50 32.45 -22.80
CA HIS B 302 -14.71 33.29 -23.98
C HIS B 302 -14.39 32.50 -25.24
N LEU B 303 -13.20 31.90 -25.27
CA LEU B 303 -12.77 31.10 -26.41
C LEU B 303 -13.72 29.93 -26.70
N GLU B 304 -14.05 29.16 -25.66
CA GLU B 304 -15.00 28.08 -25.82
C GLU B 304 -16.31 28.62 -26.38
N GLY B 305 -16.79 29.71 -25.81
CA GLY B 305 -18.01 30.35 -26.27
C GLY B 305 -17.88 30.76 -27.73
N ALA B 306 -16.70 31.23 -28.10
CA ALA B 306 -16.45 31.68 -29.46
C ALA B 306 -16.21 30.50 -30.40
N HIS B 307 -16.29 29.30 -29.85
CA HIS B 307 -16.04 28.09 -30.63
C HIS B 307 -14.61 28.04 -31.16
N GLN B 308 -13.67 28.54 -30.37
CA GLN B 308 -12.28 28.54 -30.77
C GLN B 308 -11.43 27.69 -29.83
N LEU B 309 -12.09 27.13 -28.82
CA LEU B 309 -11.40 26.28 -27.85
C LEU B 309 -12.18 24.98 -27.62
N PHE B 310 -11.44 23.87 -27.56
CA PHE B 310 -12.01 22.56 -27.33
C PHE B 310 -11.02 21.73 -26.53
N VAL B 311 -11.38 21.38 -25.30
CA VAL B 311 -10.45 20.73 -24.40
C VAL B 311 -10.97 19.41 -23.81
N GLU B 312 -10.17 18.36 -23.94
CA GLU B 312 -10.47 17.07 -23.34
C GLU B 312 -9.19 16.50 -22.72
N THR B 313 -9.03 16.70 -21.42
CA THR B 313 -7.85 16.22 -20.71
C THR B 313 -8.23 15.24 -19.61
N TYR B 314 -7.27 14.37 -19.25
CA TYR B 314 -7.52 13.34 -18.26
C TYR B 314 -6.21 12.82 -17.68
N PRO C 7 -29.51 6.31 27.88
CA PRO C 7 -30.57 6.52 28.86
C PRO C 7 -31.94 6.21 28.26
N THR C 8 -32.98 6.33 29.06
CA THR C 8 -34.35 6.00 28.65
C THR C 8 -34.41 4.85 27.63
N ARG C 9 -34.82 3.69 28.11
CA ARG C 9 -34.87 2.48 27.28
C ARG C 9 -35.53 2.73 25.92
N GLU C 10 -35.53 1.70 25.07
CA GLU C 10 -35.97 1.83 23.69
C GLU C 10 -34.95 2.57 22.83
N PRO C 11 -34.22 1.82 22.00
CA PRO C 11 -33.10 2.28 21.18
C PRO C 11 -33.51 3.26 20.09
N GLN C 12 -32.74 4.33 19.94
CA GLN C 12 -32.90 5.23 18.82
C GLN C 12 -31.60 5.21 18.00
N ILE C 13 -31.73 5.29 16.68
CA ILE C 13 -30.56 5.25 15.82
C ILE C 13 -30.46 6.47 14.92
N ASN C 14 -29.23 6.80 14.55
CA ASN C 14 -28.98 7.90 13.61
C ASN C 14 -29.62 9.22 14.00
N LEU C 15 -29.61 9.51 15.30
CA LEU C 15 -30.04 10.82 15.79
C LEU C 15 -29.05 11.87 15.33
N PHE C 16 -27.87 11.41 14.93
CA PHE C 16 -26.82 12.31 14.44
C PHE C 16 -26.05 11.66 13.30
N LYS C 17 -26.03 12.34 12.15
CA LYS C 17 -25.28 11.88 11.00
C LYS C 17 -24.15 12.87 10.70
N LYS C 18 -23.41 12.62 9.63
CA LYS C 18 -22.26 13.46 9.31
C LYS C 18 -22.67 14.90 8.98
N SER C 19 -23.94 15.10 8.64
CA SER C 19 -24.43 16.43 8.30
C SER C 19 -24.92 17.19 9.53
N ASN C 20 -25.15 16.47 10.63
CA ASN C 20 -25.52 17.08 11.90
C ASN C 20 -24.90 16.33 13.08
N PRO C 21 -23.57 16.32 13.15
CA PRO C 21 -22.84 15.58 14.18
C PRO C 21 -23.16 16.05 15.59
N TYR C 22 -22.74 15.28 16.58
CA TYR C 22 -22.86 15.69 17.97
C TYR C 22 -21.47 15.87 18.56
N LYS C 23 -21.21 17.06 19.09
CA LYS C 23 -19.91 17.36 19.67
C LYS C 23 -19.86 16.91 21.14
N ALA C 24 -18.76 16.27 21.50
CA ALA C 24 -18.55 15.83 22.87
C ALA C 24 -17.14 16.18 23.34
N LYS C 25 -17.01 16.64 24.57
CA LYS C 25 -15.71 16.96 25.14
C LYS C 25 -15.11 15.72 25.79
N VAL C 26 -13.81 15.55 25.65
CA VAL C 26 -13.12 14.41 26.26
C VAL C 26 -12.88 14.66 27.75
N ILE C 27 -13.39 13.74 28.59
CA ILE C 27 -13.16 13.80 30.02
C ILE C 27 -11.84 13.11 30.38
N SER C 28 -11.67 11.90 29.88
CA SER C 28 -10.46 11.12 30.17
C SER C 28 -10.10 10.17 29.04
N ASN C 29 -8.81 9.88 28.92
CA ASN C 29 -8.28 8.95 27.95
C ASN C 29 -7.03 8.27 28.50
N VAL C 30 -7.24 7.17 29.23
CA VAL C 30 -6.14 6.49 29.89
C VAL C 30 -5.77 5.16 29.23
N LEU C 31 -4.48 4.88 29.17
CA LEU C 31 -3.97 3.63 28.59
C LEU C 31 -4.20 2.46 29.55
N LEU C 32 -4.63 1.33 29.00
CA LEU C 32 -5.01 0.17 29.82
C LEU C 32 -4.03 -0.99 29.68
N THR C 33 -3.18 -0.91 28.67
CA THR C 33 -2.18 -1.95 28.44
C THR C 33 -0.80 -1.37 28.66
N PRO C 34 0.22 -2.24 28.83
CA PRO C 34 1.56 -1.74 29.13
C PRO C 34 2.05 -0.82 28.02
N GLU C 35 2.78 0.23 28.39
CA GLU C 35 3.38 1.10 27.38
C GLU C 35 4.29 0.27 26.49
N THR C 36 4.38 0.64 25.22
CA THR C 36 5.19 -0.09 24.26
C THR C 36 6.57 -0.43 24.84
N GLY C 37 6.98 -1.68 24.70
CA GLY C 37 8.25 -2.13 25.24
C GLY C 37 8.09 -2.90 26.53
N THR C 38 7.24 -2.38 27.43
CA THR C 38 6.87 -3.11 28.63
C THR C 38 5.97 -4.26 28.19
N GLY C 39 5.62 -5.14 29.11
CA GLY C 39 4.66 -6.19 28.82
C GLY C 39 5.20 -7.32 27.99
N LYS C 40 4.36 -8.34 27.80
CA LYS C 40 4.80 -9.61 27.24
C LYS C 40 4.97 -9.61 25.71
N ARG C 41 4.10 -8.90 25.00
CA ARG C 41 4.19 -8.89 23.54
C ARG C 41 5.56 -8.40 23.06
N PRO C 42 6.29 -9.26 22.33
CA PRO C 42 7.65 -9.02 21.86
C PRO C 42 7.66 -8.12 20.63
N LYS C 43 8.78 -7.44 20.40
CA LYS C 43 8.92 -6.49 19.30
C LYS C 43 8.31 -7.04 17.99
N LYS C 44 8.74 -8.22 17.56
CA LYS C 44 8.32 -8.78 16.28
C LYS C 44 6.81 -8.89 16.12
N GLU C 45 6.08 -8.77 17.22
CA GLU C 45 4.62 -8.90 17.17
C GLU C 45 3.93 -7.54 17.32
N GLY C 46 4.65 -6.47 17.00
CA GLY C 46 4.09 -5.13 17.04
C GLY C 46 3.69 -4.68 18.44
N GLU C 47 2.66 -3.85 18.50
CA GLU C 47 2.21 -3.26 19.76
C GLU C 47 0.73 -3.52 20.01
N ALA C 48 0.36 -3.57 21.28
CA ALA C 48 -1.05 -3.69 21.67
C ALA C 48 -1.41 -2.58 22.65
N LEU C 49 -1.73 -1.40 22.11
CA LEU C 49 -2.04 -0.25 22.93
C LEU C 49 -3.54 0.02 22.95
N VAL C 50 -4.19 -0.33 24.06
CA VAL C 50 -5.63 -0.17 24.19
C VAL C 50 -5.99 0.92 25.20
N HIS C 51 -6.78 1.88 24.76
CA HIS C 51 -7.17 3.00 25.61
C HIS C 51 -8.63 2.90 26.05
N ARG C 52 -8.92 3.39 27.25
CA ARG C 52 -10.29 3.60 27.68
C ARG C 52 -10.59 5.08 27.55
N ILE C 53 -11.64 5.41 26.82
CA ILE C 53 -11.95 6.80 26.52
C ILE C 53 -13.33 7.20 27.04
N VAL C 54 -13.37 8.27 27.83
CA VAL C 54 -14.63 8.73 28.43
C VAL C 54 -15.01 10.12 27.93
N LEU C 55 -16.14 10.19 27.22
CA LEU C 55 -16.64 11.47 26.71
C LEU C 55 -17.82 11.96 27.53
N ALA C 56 -17.88 13.27 27.74
CA ALA C 56 -19.03 13.87 28.41
C ALA C 56 -20.11 14.17 27.38
N ILE C 57 -21.34 13.73 27.64
CA ILE C 57 -22.45 13.97 26.73
C ILE C 57 -23.73 14.34 27.47
N ASP C 58 -24.71 14.81 26.71
CA ASP C 58 -26.04 15.10 27.25
C ASP C 58 -26.94 13.92 26.94
N HIS C 59 -27.18 13.08 27.94
CA HIS C 59 -28.02 11.91 27.78
C HIS C 59 -29.40 12.25 27.25
N SER C 60 -29.77 13.53 27.32
CA SER C 60 -31.05 13.99 26.79
C SER C 60 -31.01 14.04 25.26
N ALA C 61 -29.85 14.39 24.72
CA ALA C 61 -29.70 14.57 23.28
C ALA C 61 -29.14 13.33 22.60
N TYR C 62 -28.52 12.46 23.38
CA TYR C 62 -27.92 11.24 22.85
C TYR C 62 -28.29 10.05 23.74
N PRO C 63 -29.58 9.67 23.72
CA PRO C 63 -30.13 8.62 24.58
C PRO C 63 -29.75 7.22 24.09
N TYR C 64 -28.49 6.84 24.26
CA TYR C 64 -28.02 5.55 23.78
C TYR C 64 -28.44 4.41 24.69
N VAL C 65 -28.39 3.20 24.16
CA VAL C 65 -28.67 2.01 24.94
C VAL C 65 -27.50 1.05 24.80
N ILE C 66 -27.00 0.55 25.94
CA ILE C 66 -25.86 -0.35 25.93
C ILE C 66 -26.07 -1.46 24.89
N GLY C 67 -25.00 -1.79 24.17
CA GLY C 67 -25.09 -2.74 23.09
C GLY C 67 -25.11 -2.04 21.74
N GLN C 68 -25.27 -0.72 21.79
CA GLN C 68 -25.23 0.10 20.58
C GLN C 68 -23.81 0.55 20.27
N SER C 69 -23.63 1.14 19.09
CA SER C 69 -22.34 1.68 18.70
C SER C 69 -22.41 3.19 18.56
N GLY C 70 -21.31 3.85 18.90
CA GLY C 70 -21.17 5.28 18.63
C GLY C 70 -20.29 5.45 17.42
N GLY C 71 -20.49 6.53 16.67
CA GLY C 71 -19.69 6.80 15.50
C GLY C 71 -18.82 8.03 15.67
N VAL C 72 -17.58 7.95 15.19
CA VAL C 72 -16.67 9.09 15.24
C VAL C 72 -16.23 9.51 13.84
N ILE C 73 -16.03 10.80 13.66
CA ILE C 73 -15.50 11.32 12.41
C ILE C 73 -14.15 11.98 12.66
N PRO C 74 -13.07 11.31 12.21
CA PRO C 74 -11.71 11.82 12.43
C PRO C 74 -11.49 13.09 11.63
N PRO C 75 -10.89 14.11 12.27
CA PRO C 75 -10.60 15.38 11.60
C PRO C 75 -9.68 15.17 10.40
N GLY C 76 -9.91 15.92 9.32
CA GLY C 76 -9.03 15.89 8.17
C GLY C 76 -9.68 15.47 6.87
N GLU C 77 -8.86 15.33 5.83
CA GLU C 77 -9.32 14.96 4.51
C GLU C 77 -8.75 13.60 4.09
N ASP C 78 -9.64 12.67 3.75
CA ASP C 78 -9.23 11.35 3.31
C ASP C 78 -8.46 11.42 1.99
N PRO C 79 -7.15 11.10 2.04
CA PRO C 79 -6.28 11.16 0.86
C PRO C 79 -6.87 10.42 -0.34
N GLU C 80 -7.34 9.20 -0.11
CA GLU C 80 -7.92 8.39 -1.19
C GLU C 80 -9.12 9.10 -1.82
N LYS C 81 -9.90 9.79 -1.01
CA LYS C 81 -11.08 10.50 -1.49
C LYS C 81 -10.70 11.70 -2.33
N LYS C 82 -9.68 12.44 -1.88
CA LYS C 82 -9.20 13.60 -2.61
C LYS C 82 -8.62 13.18 -3.95
N ALA C 83 -7.87 12.07 -3.94
CA ALA C 83 -7.28 11.53 -5.16
C ALA C 83 -8.36 11.11 -6.15
N LYS C 84 -9.42 10.48 -5.63
CA LYS C 84 -10.56 10.12 -6.46
C LYS C 84 -11.42 11.35 -6.74
N GLY C 85 -11.10 12.45 -6.08
CA GLY C 85 -11.83 13.70 -6.23
C GLY C 85 -13.32 13.50 -6.02
N LEU C 86 -13.74 13.55 -4.76
CA LEU C 86 -15.13 13.21 -4.41
C LEU C 86 -15.97 14.42 -4.02
N ALA C 87 -15.32 15.50 -3.63
CA ALA C 87 -16.02 16.69 -3.13
C ALA C 87 -16.57 16.45 -1.72
N ASP C 88 -16.70 15.18 -1.34
CA ASP C 88 -16.99 14.82 0.04
C ASP C 88 -15.70 14.88 0.82
N VAL C 89 -14.75 14.02 0.43
CA VAL C 89 -13.36 14.12 0.89
C VAL C 89 -13.15 13.88 2.40
N GLY C 90 -14.14 14.24 3.22
CA GLY C 90 -14.05 14.02 4.65
C GLY C 90 -14.00 12.54 4.99
N TYR C 91 -13.23 12.20 6.02
CA TYR C 91 -13.12 10.82 6.46
C TYR C 91 -14.48 10.22 6.78
N THR C 92 -14.70 8.99 6.33
CA THR C 92 -15.93 8.29 6.61
C THR C 92 -15.98 7.83 8.08
N VAL C 93 -17.18 7.65 8.60
CA VAL C 93 -17.38 7.34 10.01
C VAL C 93 -16.74 6.00 10.42
N ARG C 94 -16.15 5.99 11.61
CA ARG C 94 -15.70 4.76 12.25
C ARG C 94 -16.59 4.44 13.45
N LEU C 95 -17.02 3.18 13.57
CA LEU C 95 -17.88 2.78 14.66
C LEU C 95 -17.11 2.17 15.83
N TYR C 96 -17.61 2.39 17.05
CA TYR C 96 -17.01 1.82 18.25
C TYR C 96 -18.08 1.37 19.26
N SER C 97 -17.92 0.17 19.79
CA SER C 97 -18.89 -0.37 20.74
C SER C 97 -18.92 0.45 22.02
N ILE C 98 -20.09 1.01 22.33
CA ILE C 98 -20.29 1.74 23.57
C ILE C 98 -20.02 0.78 24.74
N ALA C 99 -19.11 1.19 25.63
CA ALA C 99 -18.67 0.32 26.71
C ALA C 99 -19.32 0.67 28.05
N SER C 100 -19.89 1.87 28.14
CA SER C 100 -20.53 2.32 29.37
C SER C 100 -21.98 1.85 29.39
N PRO C 101 -22.53 1.60 30.59
CA PRO C 101 -23.92 1.16 30.73
C PRO C 101 -24.89 2.26 30.33
N SER C 102 -26.10 1.89 29.95
CA SER C 102 -27.10 2.84 29.45
C SER C 102 -27.02 4.21 30.13
N TYR C 103 -27.20 4.23 31.45
CA TYR C 103 -27.24 5.50 32.18
C TYR C 103 -25.89 5.86 32.80
N SER C 104 -24.81 5.34 32.23
CA SER C 104 -23.46 5.56 32.74
C SER C 104 -23.25 4.82 34.06
N PHE C 105 -21.98 4.61 34.43
CA PHE C 105 -21.65 4.04 35.73
C PHE C 105 -22.21 4.94 36.81
N GLY C 106 -22.83 4.34 37.83
CA GLY C 106 -23.45 5.11 38.90
C GLY C 106 -24.65 5.90 38.43
N MET C 107 -25.12 5.59 37.22
CA MET C 107 -26.29 6.24 36.65
C MET C 107 -26.26 7.76 36.76
N LYS C 108 -25.08 8.34 36.56
CA LYS C 108 -24.92 9.78 36.58
C LYS C 108 -25.46 10.40 35.30
N GLU C 109 -25.62 9.59 34.26
CA GLU C 109 -26.08 10.07 32.96
C GLU C 109 -25.24 11.25 32.49
N ASP C 110 -23.94 11.19 32.76
CA ASP C 110 -23.05 12.30 32.46
C ASP C 110 -22.07 12.02 31.31
N ASN C 111 -21.85 10.74 31.02
CA ASN C 111 -20.82 10.38 30.04
C ASN C 111 -21.13 9.18 29.15
N ILE C 112 -20.17 8.86 28.29
CA ILE C 112 -20.22 7.67 27.44
C ILE C 112 -18.77 7.22 27.24
N GLU C 113 -18.56 5.91 27.18
CA GLU C 113 -17.19 5.39 27.15
C GLU C 113 -16.90 4.44 25.98
N PHE C 114 -15.63 4.35 25.60
CA PHE C 114 -15.20 3.46 24.53
C PHE C 114 -13.94 2.71 24.93
N ILE C 115 -13.75 1.53 24.34
CA ILE C 115 -12.52 0.76 24.52
C ILE C 115 -11.85 0.59 23.16
N ILE C 116 -10.89 1.47 22.87
CA ILE C 116 -10.30 1.57 21.54
C ILE C 116 -8.83 1.16 21.50
N LYS C 117 -8.47 0.42 20.46
CA LYS C 117 -7.08 0.01 20.27
C LYS C 117 -6.48 0.59 19.01
N ARG C 118 -5.23 1.06 19.12
CA ARG C 118 -4.51 1.56 17.95
C ARG C 118 -4.44 0.46 16.90
N ASP C 119 -5.10 0.68 15.77
CA ASP C 119 -5.15 -0.31 14.70
C ASP C 119 -4.06 -0.07 13.67
N ASN C 120 -2.89 -0.66 13.90
CA ASN C 120 -1.76 -0.51 13.00
C ASN C 120 -1.41 -1.82 12.30
N ILE C 121 -0.41 -1.80 11.44
CA ILE C 121 -0.08 -2.96 10.62
C ILE C 121 1.22 -3.68 10.99
N TYR C 122 2.33 -2.95 11.00
CA TYR C 122 3.63 -3.56 11.24
C TYR C 122 3.92 -4.61 10.17
N ASN C 125 9.21 -8.19 11.23
CA ASN C 125 9.83 -6.88 11.41
C ASN C 125 9.58 -6.29 12.80
N GLY C 126 8.33 -5.96 13.08
CA GLY C 126 7.96 -5.45 14.39
C GLY C 126 7.74 -3.95 14.42
N ASN C 127 8.23 -3.25 13.39
CA ASN C 127 8.08 -1.80 13.31
C ASN C 127 6.86 -1.39 12.48
N ILE C 128 6.31 -0.23 12.80
CA ILE C 128 5.06 0.22 12.19
C ILE C 128 5.16 0.35 10.67
N GLN C 129 4.11 -0.05 9.97
CA GLN C 129 4.08 0.00 8.52
C GLN C 129 2.92 0.84 8.02
N PHE C 130 1.75 0.61 8.62
CA PHE C 130 0.56 1.42 8.33
C PHE C 130 -0.11 1.84 9.63
N LYS C 131 -0.80 2.98 9.59
CA LYS C 131 -1.33 3.59 10.80
C LYS C 131 -2.81 3.93 10.65
N GLY C 132 -3.65 3.23 11.41
CA GLY C 132 -5.08 3.47 11.38
C GLY C 132 -5.42 4.90 11.76
N VAL C 133 -6.25 5.54 10.94
CA VAL C 133 -6.58 6.95 11.12
C VAL C 133 -7.36 7.26 12.40
N CYS C 134 -8.56 6.70 12.51
CA CYS C 134 -9.46 7.06 13.60
C CYS C 134 -9.03 6.54 14.96
N SER C 135 -8.61 5.29 15.02
CA SER C 135 -8.22 4.66 16.29
C SER C 135 -7.08 5.42 16.95
N ASN C 136 -6.13 5.88 16.14
CA ASN C 136 -5.01 6.66 16.66
C ASN C 136 -5.45 8.07 17.06
N TYR C 137 -6.31 8.67 16.26
CA TYR C 137 -6.88 9.97 16.61
C TYR C 137 -7.49 9.90 18.00
N MET C 138 -8.35 8.91 18.20
CA MET C 138 -8.99 8.70 19.48
C MET C 138 -7.98 8.50 20.61
N CYS C 139 -7.06 7.56 20.42
CA CYS C 139 -6.06 7.25 21.44
C CYS C 139 -5.09 8.39 21.70
N ASP C 140 -5.14 9.42 20.85
CA ASP C 140 -4.29 10.59 21.03
C ASP C 140 -5.07 11.76 21.63
N LEU C 141 -6.34 11.54 21.92
CA LEU C 141 -7.17 12.57 22.50
C LEU C 141 -6.64 13.04 23.85
N LYS C 142 -6.72 14.34 24.08
CA LYS C 142 -6.33 14.92 25.36
C LYS C 142 -7.58 15.46 26.04
N PRO C 143 -7.61 15.40 27.39
CA PRO C 143 -8.76 15.91 28.13
C PRO C 143 -9.07 17.33 27.68
N GLY C 144 -10.33 17.58 27.32
CA GLY C 144 -10.73 18.91 26.87
C GLY C 144 -10.95 18.97 25.38
N ASP C 145 -10.34 18.04 24.64
CA ASP C 145 -10.54 17.96 23.20
C ASP C 145 -12.01 17.74 22.86
N GLU C 146 -12.39 18.04 21.63
CA GLU C 146 -13.76 17.84 21.18
C GLU C 146 -13.81 16.72 20.15
N VAL C 147 -14.78 15.82 20.32
CA VAL C 147 -14.94 14.69 19.40
C VAL C 147 -16.23 14.82 18.60
N THR C 148 -16.11 14.72 17.28
CA THR C 148 -17.26 14.73 16.40
C THR C 148 -17.93 13.36 16.40
N MET C 149 -19.20 13.31 16.81
CA MET C 149 -19.89 12.04 16.98
C MET C 149 -21.10 11.82 16.06
N THR C 150 -21.44 10.55 15.89
CA THR C 150 -22.56 10.12 15.05
C THR C 150 -23.35 9.05 15.79
N GLY C 151 -24.60 8.85 15.41
CA GLY C 151 -25.38 7.76 15.96
C GLY C 151 -26.50 8.19 16.89
N PRO C 152 -26.91 7.29 17.81
CA PRO C 152 -26.34 5.95 17.99
C PRO C 152 -26.56 5.05 16.78
N SER C 153 -25.83 3.95 16.71
CA SER C 153 -25.90 3.06 15.56
C SER C 153 -26.12 1.60 15.96
N GLY C 154 -27.16 0.99 15.40
CA GLY C 154 -27.46 -0.40 15.64
C GLY C 154 -28.57 -0.61 16.65
N LYS C 155 -29.42 -1.60 16.39
CA LYS C 155 -30.49 -1.94 17.34
C LYS C 155 -30.84 -3.42 17.29
N LYS C 156 -29.82 -4.27 17.16
CA LYS C 156 -30.00 -5.71 17.22
C LYS C 156 -29.28 -6.29 18.44
N PHE C 157 -28.03 -5.87 18.62
CA PHE C 157 -27.20 -6.31 19.72
C PHE C 157 -27.64 -5.66 21.03
N LEU C 158 -28.71 -6.16 21.63
CA LEU C 158 -29.27 -5.54 22.83
C LEU C 158 -29.61 -6.55 23.93
N LEU C 159 -29.78 -6.04 25.15
CA LEU C 159 -30.21 -6.85 26.28
C LEU C 159 -31.73 -6.93 26.31
N PRO C 160 -32.28 -7.97 26.96
CA PRO C 160 -33.74 -8.06 27.10
C PRO C 160 -34.30 -6.79 27.73
N ASN C 161 -35.44 -6.32 27.24
CA ASN C 161 -36.05 -5.11 27.78
C ASN C 161 -37.11 -5.41 28.84
N THR C 162 -37.29 -6.69 29.14
CA THR C 162 -38.19 -7.11 30.21
C THR C 162 -37.51 -8.14 31.09
N ASP C 163 -38.06 -8.37 32.28
CA ASP C 163 -37.47 -9.33 33.22
C ASP C 163 -37.03 -10.59 32.50
N PHE C 164 -35.88 -11.13 32.89
CA PHE C 164 -35.28 -12.25 32.21
C PHE C 164 -34.78 -13.32 33.18
N SER C 165 -34.97 -14.60 32.83
CA SER C 165 -34.62 -15.70 33.71
C SER C 165 -33.60 -16.64 33.09
N GLY C 166 -33.40 -16.53 31.78
CA GLY C 166 -32.44 -17.38 31.10
C GLY C 166 -31.01 -16.98 31.38
N ASP C 167 -30.08 -17.91 31.18
CA ASP C 167 -28.66 -17.60 31.36
C ASP C 167 -28.15 -16.81 30.17
N ILE C 168 -27.12 -16.01 30.39
CA ILE C 168 -26.52 -15.21 29.32
C ILE C 168 -25.02 -15.45 29.23
N MET C 169 -24.53 -15.74 28.03
CA MET C 169 -23.11 -15.97 27.82
C MET C 169 -22.50 -14.88 26.95
N PHE C 170 -21.54 -14.14 27.51
CA PHE C 170 -20.81 -13.14 26.74
C PHE C 170 -19.51 -13.72 26.21
N LEU C 171 -19.31 -13.61 24.90
CA LEU C 171 -18.10 -14.10 24.27
C LEU C 171 -17.36 -12.95 23.58
N ALA C 172 -16.18 -12.62 24.09
CA ALA C 172 -15.46 -11.45 23.62
C ALA C 172 -14.00 -11.75 23.30
N THR C 173 -13.47 -11.03 22.31
CA THR C 173 -12.04 -11.08 22.00
C THR C 173 -11.52 -9.67 21.82
N GLY C 174 -10.43 -9.35 22.52
CA GLY C 174 -9.85 -8.03 22.46
C GLY C 174 -10.84 -6.94 22.84
N THR C 175 -10.92 -5.91 22.00
CA THR C 175 -11.82 -4.79 22.25
C THR C 175 -13.30 -5.22 22.27
N GLY C 176 -13.58 -6.44 21.82
CA GLY C 176 -14.93 -6.96 21.84
C GLY C 176 -15.51 -7.05 23.24
N ILE C 177 -14.66 -6.82 24.24
CA ILE C 177 -15.07 -6.84 25.63
C ILE C 177 -15.92 -5.62 25.96
N ALA C 178 -15.81 -4.58 25.14
CA ALA C 178 -16.44 -3.30 25.42
C ALA C 178 -17.92 -3.38 25.84
N PRO C 179 -18.79 -3.87 24.96
CA PRO C 179 -20.22 -3.87 25.27
C PRO C 179 -20.55 -4.67 26.52
N PHE C 180 -19.70 -5.62 26.86
CA PHE C 180 -19.98 -6.53 27.97
C PHE C 180 -19.62 -5.93 29.34
N ILE C 181 -18.80 -4.88 29.34
CA ILE C 181 -18.55 -4.14 30.57
C ILE C 181 -19.86 -3.48 30.98
N GLY C 182 -20.38 -2.63 30.10
CA GLY C 182 -21.62 -1.93 30.36
C GLY C 182 -22.77 -2.86 30.68
N MET C 183 -22.91 -3.91 29.88
CA MET C 183 -23.98 -4.88 30.08
C MET C 183 -23.88 -5.58 31.42
N SER C 184 -22.65 -5.93 31.82
CA SER C 184 -22.43 -6.60 33.10
C SER C 184 -22.83 -5.72 34.28
N GLU C 185 -22.43 -4.44 34.23
CA GLU C 185 -22.77 -3.50 35.29
C GLU C 185 -24.27 -3.29 35.35
N GLU C 186 -24.90 -3.19 34.18
CA GLU C 186 -26.33 -2.90 34.09
C GLU C 186 -27.18 -4.04 34.62
N LEU C 187 -26.79 -5.27 34.31
CA LEU C 187 -27.55 -6.45 34.72
C LEU C 187 -27.38 -6.74 36.22
N LEU C 188 -26.17 -6.51 36.73
CA LEU C 188 -25.84 -6.89 38.10
C LEU C 188 -26.05 -5.75 39.12
N GLU C 189 -26.00 -4.50 38.66
CA GLU C 189 -26.06 -3.36 39.58
C GLU C 189 -27.24 -2.42 39.34
N HIS C 190 -27.47 -2.08 38.07
CA HIS C 190 -28.49 -1.10 37.71
C HIS C 190 -29.90 -1.71 37.75
N LYS C 191 -29.98 -3.00 37.45
CA LYS C 191 -31.24 -3.73 37.54
C LYS C 191 -32.41 -2.97 36.91
N LEU C 192 -32.24 -2.54 35.67
CA LEU C 192 -33.34 -1.92 34.93
C LEU C 192 -34.39 -2.99 34.65
N ILE C 193 -34.02 -4.24 34.95
CA ILE C 193 -34.90 -5.39 34.81
C ILE C 193 -34.52 -6.42 35.87
N LYS C 194 -35.47 -7.26 36.26
CA LYS C 194 -35.16 -8.34 37.18
C LYS C 194 -34.52 -9.50 36.44
N PHE C 195 -33.20 -9.59 36.53
CA PHE C 195 -32.46 -10.67 35.89
C PHE C 195 -32.13 -11.75 36.91
N THR C 196 -32.54 -12.98 36.60
CA THR C 196 -32.37 -14.09 37.54
C THR C 196 -31.56 -15.23 36.93
N GLY C 197 -30.93 -14.97 35.79
CA GLY C 197 -30.12 -15.97 35.13
C GLY C 197 -28.66 -15.87 35.53
N ASN C 198 -27.84 -16.76 34.99
CA ASN C 198 -26.40 -16.75 35.24
C ASN C 198 -25.62 -16.18 34.08
N ILE C 199 -24.69 -15.26 34.38
CA ILE C 199 -23.84 -14.66 33.37
C ILE C 199 -22.49 -15.36 33.32
N THR C 200 -22.12 -15.84 32.14
CA THR C 200 -20.79 -16.41 31.93
C THR C 200 -20.05 -15.57 30.90
N LEU C 201 -18.98 -14.92 31.33
CA LEU C 201 -18.20 -14.07 30.43
C LEU C 201 -16.91 -14.76 30.02
N VAL C 202 -16.84 -15.10 28.73
CA VAL C 202 -15.64 -15.74 28.17
C VAL C 202 -14.89 -14.70 27.35
N TYR C 203 -13.68 -14.38 27.80
CA TYR C 203 -12.94 -13.24 27.29
C TYR C 203 -11.55 -13.65 26.85
N GLY C 204 -11.20 -13.36 25.59
CA GLY C 204 -9.92 -13.79 25.05
C GLY C 204 -9.04 -12.67 24.52
N ALA C 205 -7.73 -12.86 24.68
CA ALA C 205 -6.74 -11.93 24.15
C ALA C 205 -5.40 -12.65 24.01
N PRO C 206 -4.45 -12.04 23.28
CA PRO C 206 -3.13 -12.67 23.04
C PRO C 206 -2.32 -12.89 24.31
N TYR C 207 -2.21 -11.88 25.17
CA TYR C 207 -1.43 -12.01 26.40
C TYR C 207 -2.23 -11.55 27.63
N SER C 208 -1.86 -12.08 28.79
CA SER C 208 -2.54 -11.73 30.03
C SER C 208 -2.62 -10.23 30.27
N ASP C 209 -1.58 -9.51 29.86
CA ASP C 209 -1.53 -8.07 30.06
C ASP C 209 -2.31 -7.31 29.01
N GLU C 210 -2.91 -8.03 28.07
CA GLU C 210 -3.75 -7.42 27.04
C GLU C 210 -5.24 -7.62 27.34
N LEU C 211 -5.51 -8.40 28.39
CA LEU C 211 -6.83 -8.44 28.98
C LEU C 211 -7.06 -7.15 29.76
N VAL C 212 -8.03 -6.35 29.34
CA VAL C 212 -8.29 -5.07 30.00
C VAL C 212 -9.47 -5.14 30.97
N MET C 213 -9.55 -4.15 31.85
CA MET C 213 -10.65 -4.04 32.81
C MET C 213 -10.70 -5.22 33.77
N MET C 214 -9.62 -6.00 33.82
CA MET C 214 -9.59 -7.23 34.60
C MET C 214 -9.90 -7.02 36.08
N ASP C 215 -9.31 -5.99 36.68
CA ASP C 215 -9.60 -5.68 38.08
C ASP C 215 -11.10 -5.58 38.28
N TYR C 216 -11.75 -4.81 37.42
CA TYR C 216 -13.20 -4.62 37.49
C TYR C 216 -13.96 -5.93 37.29
N LEU C 217 -13.56 -6.69 36.27
CA LEU C 217 -14.26 -7.93 35.95
C LEU C 217 -14.11 -8.97 37.05
N LYS C 218 -12.87 -9.20 37.49
CA LYS C 218 -12.60 -10.15 38.57
C LYS C 218 -13.40 -9.75 39.80
N GLY C 219 -13.49 -8.45 40.04
CA GLY C 219 -14.26 -7.94 41.17
C GLY C 219 -15.72 -8.30 41.03
N LEU C 220 -16.24 -8.21 39.81
CA LEU C 220 -17.63 -8.58 39.55
C LEU C 220 -17.86 -10.04 39.88
N GLU C 221 -16.87 -10.87 39.57
CA GLU C 221 -16.99 -12.31 39.78
C GLU C 221 -17.05 -12.66 41.27
N SER C 222 -16.21 -11.99 42.06
CA SER C 222 -16.12 -12.30 43.49
C SER C 222 -17.28 -11.70 44.28
N LYS C 223 -18.02 -10.79 43.67
CA LYS C 223 -19.10 -10.11 44.37
C LYS C 223 -20.47 -10.72 44.16
N HIS C 224 -20.60 -11.65 43.21
CA HIS C 224 -21.92 -12.05 42.75
C HIS C 224 -22.30 -13.54 42.77
N LYS C 225 -21.41 -14.40 42.28
CA LYS C 225 -21.75 -15.82 42.06
C LYS C 225 -22.66 -15.90 40.84
N ASN C 226 -23.45 -14.85 40.68
CA ASN C 226 -24.32 -14.65 39.53
C ASN C 226 -23.51 -14.53 38.24
N PHE C 227 -22.19 -14.44 38.38
CA PHE C 227 -21.31 -14.05 37.30
C PHE C 227 -19.98 -14.81 37.34
N LYS C 228 -19.71 -15.60 36.31
CA LYS C 228 -18.45 -16.32 36.21
C LYS C 228 -17.56 -15.76 35.09
N LEU C 229 -16.26 -15.72 35.34
CA LEU C 229 -15.32 -15.14 34.38
C LEU C 229 -14.29 -16.16 33.91
N ILE C 230 -14.25 -16.37 32.60
CA ILE C 230 -13.28 -17.26 31.97
C ILE C 230 -12.47 -16.50 30.94
N THR C 231 -11.17 -16.79 30.87
CA THR C 231 -10.32 -16.13 29.88
C THR C 231 -9.64 -17.13 28.94
N ALA C 232 -9.35 -16.66 27.74
CA ALA C 232 -8.60 -17.45 26.77
C ALA C 232 -7.41 -16.63 26.27
N ILE C 233 -6.25 -16.88 26.87
CA ILE C 233 -5.03 -16.17 26.51
C ILE C 233 -4.28 -16.97 25.45
N SER C 234 -4.56 -16.64 24.19
CA SER C 234 -4.17 -17.48 23.05
C SER C 234 -2.68 -17.78 22.90
N ARG C 235 -1.84 -16.82 23.29
CA ARG C 235 -0.40 -16.99 23.08
C ARG C 235 0.35 -17.42 24.34
N GLU C 236 -0.40 -17.81 25.36
CA GLU C 236 0.19 -18.31 26.61
C GLU C 236 -0.47 -19.63 27.02
N GLU C 237 -1.53 -20.00 26.31
CA GLU C 237 -2.27 -21.21 26.63
C GLU C 237 -2.59 -22.02 25.37
N LYS C 238 -2.47 -23.34 25.48
CA LYS C 238 -2.89 -24.24 24.42
C LYS C 238 -4.09 -25.02 24.90
N ASN C 239 -5.07 -25.23 24.03
CA ASN C 239 -6.27 -25.96 24.42
C ASN C 239 -6.01 -27.45 24.56
N SER C 240 -6.87 -28.13 25.31
CA SER C 240 -6.66 -29.53 25.66
C SER C 240 -7.12 -30.48 24.55
N PHE C 241 -7.79 -29.93 23.54
CA PHE C 241 -8.40 -30.76 22.51
C PHE C 241 -7.46 -31.08 21.34
N ASP C 242 -6.85 -30.05 20.76
CA ASP C 242 -5.93 -30.25 19.64
C ASP C 242 -4.55 -29.67 19.90
N GLY C 243 -4.35 -29.10 21.09
CA GLY C 243 -3.06 -28.58 21.48
C GLY C 243 -2.69 -27.28 20.78
N GLY C 244 -3.65 -26.70 20.09
CA GLY C 244 -3.44 -25.42 19.42
C GLY C 244 -3.62 -24.27 20.37
N ARG C 245 -3.59 -23.05 19.85
CA ARG C 245 -3.80 -21.87 20.67
C ARG C 245 -5.14 -21.92 21.38
N MET C 246 -5.20 -21.38 22.59
CA MET C 246 -6.44 -21.35 23.37
C MET C 246 -7.32 -20.19 22.95
N TYR C 247 -8.41 -20.49 22.25
CA TYR C 247 -9.37 -19.46 21.86
C TYR C 247 -10.63 -19.58 22.71
N ILE C 248 -11.47 -18.55 22.68
CA ILE C 248 -12.73 -18.58 23.42
C ILE C 248 -13.60 -19.74 22.97
N SER C 249 -13.41 -20.16 21.72
CA SER C 249 -14.18 -21.28 21.18
C SER C 249 -13.90 -22.57 21.94
N HIS C 250 -12.65 -22.77 22.33
CA HIS C 250 -12.27 -23.95 23.10
C HIS C 250 -12.81 -23.86 24.53
N ARG C 251 -12.97 -22.63 25.02
CA ARG C 251 -13.56 -22.41 26.34
C ARG C 251 -15.04 -22.79 26.30
N VAL C 252 -15.70 -22.43 25.21
CA VAL C 252 -17.09 -22.81 25.01
C VAL C 252 -17.24 -24.32 25.11
N ARG C 253 -16.35 -25.03 24.43
CA ARG C 253 -16.38 -26.50 24.44
C ARG C 253 -16.21 -27.04 25.86
N GLU C 254 -15.40 -26.35 26.66
CA GLU C 254 -15.19 -26.74 28.05
C GLU C 254 -16.41 -26.42 28.92
N GLN C 255 -17.19 -25.43 28.49
CA GLN C 255 -18.40 -25.03 29.22
C GLN C 255 -19.64 -25.64 28.59
N ALA C 256 -19.56 -26.92 28.23
CA ALA C 256 -20.63 -27.60 27.53
C ALA C 256 -21.98 -27.43 28.21
N GLU C 257 -22.00 -27.51 29.53
CA GLU C 257 -23.25 -27.49 30.28
C GLU C 257 -23.86 -26.10 30.41
N ALA C 258 -23.02 -25.09 30.64
CA ALA C 258 -23.50 -23.73 30.67
C ALA C 258 -24.07 -23.41 29.31
N VAL C 259 -23.44 -23.97 28.27
CA VAL C 259 -23.92 -23.81 26.90
C VAL C 259 -25.27 -24.49 26.71
N LYS C 260 -25.39 -25.73 27.18
CA LYS C 260 -26.64 -26.46 27.09
C LYS C 260 -27.75 -25.77 27.87
N LYS C 261 -27.42 -25.25 29.06
CA LYS C 261 -28.40 -24.53 29.87
C LYS C 261 -29.01 -23.40 29.06
N ILE C 262 -28.19 -22.73 28.26
CA ILE C 262 -28.65 -21.60 27.48
C ILE C 262 -29.47 -22.07 26.27
N LEU C 263 -29.05 -23.17 25.67
CA LEU C 263 -29.73 -23.70 24.49
C LEU C 263 -31.14 -24.21 24.82
N ASN C 264 -31.30 -24.71 26.03
CA ASN C 264 -32.58 -25.30 26.44
C ASN C 264 -33.36 -24.41 27.42
N GLY C 265 -32.70 -23.39 27.96
CA GLY C 265 -33.31 -22.55 28.97
C GLY C 265 -33.65 -21.15 28.49
N GLY C 266 -33.73 -20.98 27.19
CA GLY C 266 -34.09 -19.69 26.60
C GLY C 266 -33.07 -18.61 26.88
N GLY C 267 -31.81 -19.01 27.05
CA GLY C 267 -30.74 -18.06 27.29
C GLY C 267 -30.27 -17.39 26.00
N ARG C 268 -29.28 -16.51 26.12
CA ARG C 268 -28.78 -15.77 24.96
C ARG C 268 -27.27 -15.89 24.81
N PHE C 269 -26.81 -15.78 23.56
CA PHE C 269 -25.38 -15.76 23.27
C PHE C 269 -25.01 -14.42 22.63
N TYR C 270 -24.06 -13.72 23.24
CA TYR C 270 -23.53 -12.49 22.65
C TYR C 270 -22.08 -12.71 22.27
N ILE C 271 -21.77 -12.51 20.99
CA ILE C 271 -20.41 -12.67 20.49
C ILE C 271 -19.93 -11.35 19.91
N CYS C 272 -18.81 -10.85 20.41
CA CYS C 272 -18.28 -9.56 19.96
C CYS C 272 -16.76 -9.55 19.93
N GLY C 273 -16.18 -8.86 18.95
CA GLY C 273 -14.74 -8.76 18.84
C GLY C 273 -14.21 -9.10 17.45
N GLY C 274 -12.91 -9.36 17.37
CA GLY C 274 -12.29 -9.70 16.10
C GLY C 274 -11.58 -11.04 16.14
N PRO C 275 -11.05 -11.48 14.98
CA PRO C 275 -11.17 -10.73 13.73
C PRO C 275 -12.51 -11.00 13.07
N LYS C 276 -12.77 -10.32 11.96
CA LYS C 276 -14.04 -10.48 11.25
C LYS C 276 -14.35 -11.95 11.02
N GLY C 277 -15.57 -12.35 11.36
CA GLY C 277 -16.01 -13.72 11.16
C GLY C 277 -15.43 -14.71 12.16
N MET C 278 -15.02 -14.22 13.32
CA MET C 278 -14.49 -15.09 14.37
C MET C 278 -15.63 -15.81 15.07
N GLU C 279 -16.86 -15.41 14.77
CA GLU C 279 -18.03 -16.03 15.38
C GLU C 279 -18.24 -17.45 14.86
N LYS C 280 -17.81 -17.70 13.63
CA LYS C 280 -18.00 -19.01 13.01
C LYS C 280 -17.53 -20.13 13.93
N GLY C 281 -16.26 -20.07 14.33
CA GLY C 281 -15.68 -21.08 15.20
C GLY C 281 -16.43 -21.24 16.51
N VAL C 282 -16.83 -20.13 17.10
CA VAL C 282 -17.58 -20.15 18.35
C VAL C 282 -18.95 -20.78 18.12
N ILE C 283 -19.63 -20.35 17.08
CA ILE C 283 -20.98 -20.83 16.79
C ILE C 283 -21.02 -22.32 16.50
N GLU C 284 -20.12 -22.80 15.64
CA GLU C 284 -20.12 -24.22 15.29
C GLU C 284 -19.60 -25.11 16.42
N GLU C 285 -19.09 -24.47 17.48
CA GLU C 285 -18.75 -25.21 18.69
C GLU C 285 -20.01 -25.36 19.52
N ILE C 286 -20.83 -24.32 19.52
CA ILE C 286 -22.13 -24.36 20.18
C ILE C 286 -23.03 -25.38 19.49
N GLN C 287 -22.87 -25.50 18.18
CA GLN C 287 -23.68 -26.44 17.40
C GLN C 287 -23.33 -27.88 17.72
N LYS C 288 -22.03 -28.17 17.86
CA LYS C 288 -21.59 -29.50 18.25
C LYS C 288 -22.25 -29.92 19.56
N ILE C 289 -22.31 -28.99 20.50
CA ILE C 289 -22.88 -29.25 21.82
C ILE C 289 -24.38 -29.51 21.75
N SER C 290 -25.07 -28.75 20.89
CA SER C 290 -26.51 -28.95 20.71
C SER C 290 -26.77 -30.27 19.99
N GLY C 291 -25.85 -30.66 19.13
CA GLY C 291 -25.96 -31.91 18.39
C GLY C 291 -26.69 -31.75 17.07
N ASN C 292 -27.25 -30.55 16.86
CA ASN C 292 -27.99 -30.26 15.63
C ASN C 292 -27.06 -30.38 14.42
N THR C 293 -27.52 -31.05 13.38
CA THR C 293 -26.67 -31.33 12.22
C THR C 293 -27.06 -30.57 10.96
N GLY C 294 -27.88 -29.53 11.10
CA GLY C 294 -28.19 -28.67 9.98
C GLY C 294 -26.93 -27.98 9.52
N THR C 295 -27.03 -27.19 8.44
CA THR C 295 -25.88 -26.43 7.98
C THR C 295 -25.54 -25.35 9.00
N TYR C 296 -24.30 -24.91 9.00
CA TYR C 296 -23.86 -23.86 9.91
C TYR C 296 -24.82 -22.69 9.88
N GLU C 297 -25.23 -22.29 8.68
CA GLU C 297 -26.05 -21.11 8.51
C GLU C 297 -27.50 -21.36 8.98
N GLU C 298 -27.97 -22.58 8.79
CA GLU C 298 -29.31 -22.95 9.24
C GLU C 298 -29.39 -22.89 10.76
N PHE C 299 -28.32 -23.32 11.42
CA PHE C 299 -28.23 -23.29 12.86
C PHE C 299 -28.09 -21.86 13.38
N LYS C 300 -27.25 -21.09 12.70
CA LYS C 300 -27.01 -19.70 13.10
C LYS C 300 -28.26 -18.83 12.94
N HIS C 301 -28.94 -18.96 11.80
CA HIS C 301 -30.12 -18.16 11.55
C HIS C 301 -31.25 -18.54 12.48
N HIS C 302 -31.33 -19.83 12.79
CA HIS C 302 -32.32 -20.33 13.73
C HIS C 302 -32.16 -19.66 15.08
N LEU C 303 -30.93 -19.69 15.61
CA LEU C 303 -30.64 -19.06 16.90
C LEU C 303 -30.96 -17.57 16.90
N GLU C 304 -30.48 -16.86 15.89
CA GLU C 304 -30.78 -15.43 15.78
C GLU C 304 -32.29 -15.22 15.75
N GLY C 305 -32.97 -16.04 14.96
CA GLY C 305 -34.42 -16.01 14.86
C GLY C 305 -35.07 -16.25 16.20
N ALA C 306 -34.48 -17.16 16.97
CA ALA C 306 -35.00 -17.52 18.27
C ALA C 306 -34.59 -16.50 19.33
N HIS C 307 -33.88 -15.45 18.91
CA HIS C 307 -33.40 -14.44 19.83
C HIS C 307 -32.44 -15.02 20.85
N GLN C 308 -31.63 -15.97 20.44
CA GLN C 308 -30.65 -16.59 21.33
C GLN C 308 -29.23 -16.35 20.84
N LEU C 309 -29.11 -15.64 19.72
CA LEU C 309 -27.80 -15.32 19.16
C LEU C 309 -27.71 -13.86 18.77
N PHE C 310 -26.58 -13.24 19.11
CA PHE C 310 -26.33 -11.84 18.79
C PHE C 310 -24.85 -11.67 18.50
N VAL C 311 -24.52 -11.31 17.26
CA VAL C 311 -23.12 -11.27 16.84
C VAL C 311 -22.70 -9.95 16.22
N GLU C 312 -21.61 -9.40 16.73
CA GLU C 312 -21.00 -8.18 16.18
C GLU C 312 -19.48 -8.35 16.14
N THR C 313 -18.98 -8.73 14.98
CA THR C 313 -17.55 -8.95 14.81
C THR C 313 -16.97 -8.04 13.74
N TYR C 314 -15.67 -7.76 13.83
CA TYR C 314 -15.01 -6.84 12.93
C TYR C 314 -13.50 -7.08 12.94
N PRO D 7 18.73 -31.86 15.35
CA PRO D 7 19.79 -31.03 15.92
C PRO D 7 21.17 -31.54 15.51
N THR D 8 22.21 -30.85 15.95
CA THR D 8 23.60 -31.18 15.60
C THR D 8 23.72 -31.79 14.20
N ARG D 9 24.22 -31.00 13.26
CA ARG D 9 24.34 -31.43 11.86
C ARG D 9 24.97 -32.81 11.73
N GLU D 10 25.04 -33.31 10.49
CA GLU D 10 25.45 -34.69 10.22
C GLU D 10 24.37 -35.69 10.60
N PRO D 11 23.70 -36.24 9.58
CA PRO D 11 22.53 -37.13 9.70
C PRO D 11 22.88 -38.48 10.33
N GLN D 12 22.04 -38.92 11.26
CA GLN D 12 22.12 -40.27 11.77
C GLN D 12 20.84 -41.00 11.41
N ILE D 13 20.95 -42.28 11.11
CA ILE D 13 19.78 -43.06 10.73
C ILE D 13 19.58 -44.29 11.61
N ASN D 14 18.34 -44.71 11.74
CA ASN D 14 17.99 -45.93 12.47
C ASN D 14 18.55 -45.96 13.90
N LEU D 15 18.52 -44.82 14.57
CA LEU D 15 18.87 -44.76 15.98
C LEU D 15 17.81 -45.49 16.79
N PHE D 16 16.66 -45.71 16.16
CA PHE D 16 15.56 -46.41 16.80
C PHE D 16 14.82 -47.28 15.79
N LYS D 17 14.74 -48.57 16.09
CA LYS D 17 14.01 -49.51 15.24
C LYS D 17 12.82 -50.07 16.02
N LYS D 18 12.10 -51.00 15.42
CA LYS D 18 10.89 -51.53 16.05
C LYS D 18 11.20 -52.29 17.33
N SER D 19 12.46 -52.70 17.51
CA SER D 19 12.86 -53.45 18.70
C SER D 19 13.31 -52.51 19.82
N ASN D 20 13.59 -51.26 19.48
CA ASN D 20 13.92 -50.24 20.47
C ASN D 20 13.37 -48.88 20.08
N PRO D 21 12.04 -48.77 20.01
CA PRO D 21 11.35 -47.55 19.57
C PRO D 21 11.66 -46.37 20.48
N TYR D 22 11.30 -45.16 20.02
CA TYR D 22 11.41 -43.97 20.84
C TYR D 22 10.01 -43.42 21.12
N LYS D 23 9.67 -43.27 22.39
CA LYS D 23 8.36 -42.77 22.77
C LYS D 23 8.35 -41.25 22.78
N ALA D 24 7.29 -40.66 22.22
CA ALA D 24 7.13 -39.22 22.21
C ALA D 24 5.71 -38.85 22.60
N LYS D 25 5.56 -37.82 23.41
CA LYS D 25 4.25 -37.33 23.80
C LYS D 25 3.74 -36.31 22.79
N VAL D 26 2.44 -36.36 22.49
CA VAL D 26 1.84 -35.42 21.56
C VAL D 26 1.60 -34.07 22.23
N ILE D 27 2.17 -33.02 21.65
CA ILE D 27 1.95 -31.66 22.12
C ILE D 27 0.69 -31.07 21.49
N SER D 28 0.58 -31.17 20.17
CA SER D 28 -0.57 -30.63 19.46
C SER D 28 -0.88 -31.41 18.19
N ASN D 29 -2.14 -31.39 17.80
CA ASN D 29 -2.62 -32.03 16.58
C ASN D 29 -3.81 -31.26 16.03
N VAL D 30 -3.53 -30.24 15.22
CA VAL D 30 -4.58 -29.37 14.71
C VAL D 30 -4.85 -29.58 13.22
N LEU D 31 -6.13 -29.52 12.85
CA LEU D 31 -6.56 -29.68 11.47
C LEU D 31 -6.24 -28.42 10.66
N LEU D 32 -5.72 -28.61 9.44
CA LEU D 32 -5.27 -27.48 8.62
C LEU D 32 -6.17 -27.23 7.42
N THR D 33 -7.04 -28.20 7.13
CA THR D 33 -7.97 -28.08 6.00
C THR D 33 -9.39 -28.00 6.54
N PRO D 34 -10.33 -27.55 5.70
CA PRO D 34 -11.71 -27.40 6.18
C PRO D 34 -12.27 -28.71 6.69
N GLU D 35 -13.05 -28.66 7.76
CA GLU D 35 -13.73 -29.86 8.25
C GLU D 35 -14.59 -30.42 7.13
N THR D 36 -14.71 -31.76 7.09
CA THR D 36 -15.49 -32.41 6.04
C THR D 36 -16.83 -31.71 5.82
N GLY D 37 -17.15 -31.45 4.56
CA GLY D 37 -18.39 -30.78 4.22
C GLY D 37 -18.17 -29.31 3.90
N THR D 38 -17.36 -28.65 4.71
CA THR D 38 -16.92 -27.30 4.40
C THR D 38 -15.96 -27.38 3.23
N GLY D 39 -15.54 -26.25 2.71
CA GLY D 39 -14.51 -26.23 1.69
C GLY D 39 -14.98 -26.67 0.32
N LYS D 40 -14.09 -26.56 -0.66
CA LYS D 40 -14.44 -26.71 -2.07
C LYS D 40 -14.62 -28.15 -2.55
N ARG D 41 -13.82 -29.07 -2.02
CA ARG D 41 -13.91 -30.47 -2.47
C ARG D 41 -15.31 -31.02 -2.24
N PRO D 42 -15.98 -31.43 -3.33
CA PRO D 42 -17.36 -31.93 -3.31
C PRO D 42 -17.44 -33.36 -2.84
N LYS D 43 -18.60 -33.76 -2.33
CA LYS D 43 -18.81 -35.10 -1.79
C LYS D 43 -18.18 -36.19 -2.65
N LYS D 44 -18.54 -36.23 -3.93
CA LYS D 44 -18.09 -37.30 -4.84
C LYS D 44 -16.57 -37.45 -4.91
N GLU D 45 -15.83 -36.46 -4.41
CA GLU D 45 -14.38 -36.51 -4.44
C GLU D 45 -13.79 -36.79 -3.07
N GLY D 46 -14.57 -37.42 -2.20
CA GLY D 46 -14.11 -37.79 -0.88
C GLY D 46 -13.72 -36.61 0.00
N GLU D 47 -12.75 -36.84 0.88
CA GLU D 47 -12.33 -35.82 1.84
C GLU D 47 -10.84 -35.55 1.76
N ALA D 48 -10.44 -34.33 2.13
CA ALA D 48 -9.04 -33.96 2.22
C ALA D 48 -8.75 -33.37 3.60
N LEU D 49 -8.51 -34.26 4.57
CA LEU D 49 -8.28 -33.84 5.94
C LEU D 49 -6.79 -33.94 6.29
N VAL D 50 -6.12 -32.78 6.34
CA VAL D 50 -4.69 -32.75 6.61
C VAL D 50 -4.40 -32.13 7.98
N HIS D 51 -3.66 -32.87 8.81
CA HIS D 51 -3.34 -32.42 10.15
C HIS D 51 -1.88 -32.01 10.28
N ARG D 52 -1.62 -31.00 11.12
CA ARG D 52 -0.26 -30.71 11.54
C ARG D 52 -0.05 -31.28 12.93
N ILE D 53 0.98 -32.10 13.09
CA ILE D 53 1.18 -32.82 14.34
C ILE D 53 2.54 -32.50 14.97
N VAL D 54 2.51 -32.07 16.22
CA VAL D 54 3.73 -31.68 16.92
C VAL D 54 4.02 -32.58 18.11
N LEU D 55 5.13 -33.31 18.04
CA LEU D 55 5.54 -34.20 19.11
C LEU D 55 6.69 -33.60 19.90
N ALA D 56 6.68 -33.81 21.22
CA ALA D 56 7.79 -33.38 22.06
C ALA D 56 8.84 -34.49 22.11
N ILE D 57 10.08 -34.12 21.85
CA ILE D 57 11.17 -35.09 21.87
C ILE D 57 12.44 -34.55 22.52
N ASP D 58 13.37 -35.43 22.80
CA ASP D 58 14.68 -35.05 23.31
C ASP D 58 15.66 -35.01 22.15
N HIS D 59 15.96 -33.80 21.68
CA HIS D 59 16.88 -33.62 20.56
C HIS D 59 18.24 -34.28 20.81
N SER D 60 18.53 -34.59 22.07
CA SER D 60 19.76 -35.28 22.42
C SER D 60 19.70 -36.75 22.00
N ALA D 61 18.52 -37.35 22.11
CA ALA D 61 18.34 -38.77 21.82
C ALA D 61 17.86 -39.03 20.39
N TYR D 62 17.31 -38.00 19.76
CA TYR D 62 16.79 -38.11 18.41
C TYR D 62 17.24 -36.92 17.58
N PRO D 63 18.54 -36.84 17.29
CA PRO D 63 19.18 -35.73 16.58
C PRO D 63 18.89 -35.76 15.09
N TYR D 64 17.66 -35.45 14.70
CA TYR D 64 17.27 -35.51 13.30
C TYR D 64 17.78 -34.30 12.52
N VAL D 65 17.81 -34.44 11.20
CA VAL D 65 18.16 -33.34 10.32
C VAL D 65 17.05 -33.15 9.30
N ILE D 66 16.60 -31.91 9.14
CA ILE D 66 15.52 -31.61 8.22
C ILE D 66 15.80 -32.26 6.86
N GLY D 67 14.75 -32.82 6.26
CA GLY D 67 14.90 -33.56 5.02
C GLY D 67 14.86 -35.05 5.29
N GLN D 68 14.95 -35.42 6.56
CA GLN D 68 14.84 -36.81 6.97
C GLN D 68 13.38 -37.21 7.23
N SER D 69 13.17 -38.51 7.42
CA SER D 69 11.83 -39.01 7.73
C SER D 69 11.79 -39.61 9.12
N GLY D 70 10.66 -39.46 9.78
CA GLY D 70 10.42 -40.14 11.05
C GLY D 70 9.51 -41.32 10.79
N GLY D 71 9.64 -42.36 11.60
CA GLY D 71 8.81 -43.53 11.44
C GLY D 71 7.86 -43.73 12.61
N VAL D 72 6.64 -44.13 12.31
CA VAL D 72 5.65 -44.39 13.36
C VAL D 72 5.18 -45.85 13.30
N ILE D 73 4.87 -46.41 14.47
CA ILE D 73 4.31 -47.74 14.54
C ILE D 73 2.92 -47.68 15.16
N PRO D 74 1.88 -47.87 14.34
CA PRO D 74 0.50 -47.78 14.79
C PRO D 74 0.18 -48.91 15.75
N PRO D 75 -0.48 -48.60 16.88
CA PRO D 75 -0.86 -49.61 17.86
C PRO D 75 -1.77 -50.66 17.23
N GLY D 76 -1.59 -51.93 17.63
CA GLY D 76 -2.49 -52.98 17.19
C GLY D 76 -1.81 -54.12 16.44
N GLU D 77 -2.63 -55.04 15.94
CA GLU D 77 -2.16 -56.20 15.21
C GLU D 77 -2.64 -56.17 13.75
N ASP D 78 -1.69 -56.24 12.83
CA ASP D 78 -2.02 -56.24 11.40
C ASP D 78 -2.80 -57.50 11.03
N PRO D 79 -4.08 -57.33 10.67
CA PRO D 79 -4.96 -58.43 10.30
C PRO D 79 -4.34 -59.36 9.27
N GLU D 80 -3.78 -58.79 8.21
CA GLU D 80 -3.16 -59.59 7.16
C GLU D 80 -2.02 -60.44 7.71
N LYS D 81 -1.28 -59.89 8.66
CA LYS D 81 -0.15 -60.61 9.24
C LYS D 81 -0.62 -61.76 10.12
N LYS D 82 -1.68 -61.52 10.89
CA LYS D 82 -2.24 -62.56 11.74
C LYS D 82 -2.80 -63.68 10.89
N ALA D 83 -3.47 -63.33 9.81
CA ALA D 83 -4.04 -64.31 8.89
C ALA D 83 -2.94 -65.15 8.25
N LYS D 84 -1.83 -64.49 7.89
CA LYS D 84 -0.68 -65.20 7.35
C LYS D 84 0.10 -65.87 8.48
N GLY D 85 -0.30 -65.57 9.72
CA GLY D 85 0.35 -66.12 10.89
C GLY D 85 1.85 -65.89 10.87
N LEU D 86 2.28 -64.72 11.31
CA LEU D 86 3.68 -64.32 11.19
C LEU D 86 4.46 -64.34 12.50
N ALA D 87 3.74 -64.29 13.62
CA ALA D 87 4.36 -64.18 14.94
C ALA D 87 4.93 -62.79 15.18
N ASP D 88 5.15 -62.04 14.10
CA ASP D 88 5.48 -60.63 14.18
C ASP D 88 4.18 -59.87 14.41
N VAL D 89 3.29 -59.94 13.41
CA VAL D 89 1.91 -59.49 13.55
C VAL D 89 1.73 -57.98 13.77
N GLY D 90 2.70 -57.34 14.42
CA GLY D 90 2.63 -55.91 14.65
C GLY D 90 2.67 -55.13 13.35
N TYR D 91 1.94 -54.03 13.29
CA TYR D 91 1.92 -53.18 12.10
C TYR D 91 3.32 -52.74 11.71
N THR D 92 3.61 -52.79 10.41
CA THR D 92 4.90 -52.35 9.91
C THR D 92 4.98 -50.82 9.94
N VAL D 93 6.21 -50.30 9.99
CA VAL D 93 6.43 -48.86 10.13
C VAL D 93 5.90 -48.05 8.95
N ARG D 94 5.31 -46.89 9.27
CA ARG D 94 4.95 -45.90 8.27
C ARG D 94 5.88 -44.69 8.39
N LEU D 95 6.38 -44.20 7.26
CA LEU D 95 7.28 -43.05 7.26
C LEU D 95 6.55 -41.73 6.99
N TYR D 96 7.05 -40.66 7.59
CA TYR D 96 6.49 -39.32 7.38
C TYR D 96 7.60 -38.27 7.33
N SER D 97 7.53 -37.39 6.34
CA SER D 97 8.53 -36.34 6.18
C SER D 97 8.52 -35.37 7.36
N ILE D 98 9.65 -35.29 8.05
CA ILE D 98 9.82 -34.32 9.13
C ILE D 98 9.61 -32.91 8.58
N ALA D 99 8.69 -32.17 9.17
CA ALA D 99 8.32 -30.85 8.65
C ALA D 99 8.96 -29.71 9.43
N SER D 100 9.43 -30.01 10.63
CA SER D 100 10.07 -29.00 11.48
C SER D 100 11.54 -28.87 11.12
N PRO D 101 12.11 -27.67 11.30
CA PRO D 101 13.53 -27.44 10.99
C PRO D 101 14.42 -28.18 11.98
N SER D 102 15.66 -28.45 11.58
CA SER D 102 16.58 -29.24 12.39
C SER D 102 16.41 -29.01 13.90
N TYR D 103 16.61 -27.77 14.34
CA TYR D 103 16.56 -27.46 15.76
C TYR D 103 15.20 -26.96 16.22
N SER D 104 14.15 -27.32 15.48
CA SER D 104 12.79 -26.85 15.76
C SER D 104 12.63 -25.35 15.45
N PHE D 105 11.39 -24.92 15.29
CA PHE D 105 11.11 -23.49 15.11
C PHE D 105 11.61 -22.74 16.34
N GLY D 106 12.29 -21.62 16.12
CA GLY D 106 12.85 -20.84 17.21
C GLY D 106 14.01 -21.55 17.88
N MET D 107 14.47 -22.63 17.25
CA MET D 107 15.61 -23.41 17.76
C MET D 107 15.47 -23.77 19.23
N LYS D 108 14.25 -24.09 19.66
CA LYS D 108 13.99 -24.51 21.03
C LYS D 108 14.49 -25.94 21.27
N GLU D 109 14.69 -26.68 20.18
CA GLU D 109 15.11 -28.08 20.27
C GLU D 109 14.18 -28.86 21.19
N ASP D 110 12.89 -28.56 21.14
CA ASP D 110 11.93 -29.15 22.05
C ASP D 110 10.96 -30.13 21.37
N ASN D 111 10.82 -30.01 20.05
CA ASN D 111 9.82 -30.81 19.35
C ASN D 111 10.19 -31.31 17.96
N ILE D 112 9.24 -32.00 17.33
CA ILE D 112 9.37 -32.45 15.95
C ILE D 112 7.96 -32.48 15.36
N GLU D 113 7.83 -32.12 14.08
CA GLU D 113 6.51 -31.95 13.50
C GLU D 113 6.28 -32.76 12.22
N PHE D 114 5.02 -33.07 11.96
CA PHE D 114 4.63 -33.80 10.75
C PHE D 114 3.42 -33.15 10.07
N ILE D 115 3.30 -33.34 8.77
CA ILE D 115 2.13 -32.91 8.03
C ILE D 115 1.46 -34.14 7.42
N ILE D 116 0.44 -34.65 8.10
CA ILE D 116 -0.15 -35.93 7.75
C ILE D 116 -1.60 -35.81 7.26
N LYS D 117 -1.92 -36.56 6.21
CA LYS D 117 -3.27 -36.58 5.68
C LYS D 117 -3.92 -37.95 5.83
N ARG D 118 -5.19 -37.96 6.22
CA ARG D 118 -5.96 -39.19 6.29
C ARG D 118 -5.96 -39.86 4.92
N ASP D 119 -5.33 -41.02 4.82
CA ASP D 119 -5.22 -41.72 3.55
C ASP D 119 -6.33 -42.76 3.39
N ASN D 120 -7.46 -42.33 2.84
CA ASN D 120 -8.60 -43.22 2.64
C ASN D 120 -8.87 -43.46 1.16
N ILE D 121 -9.89 -44.27 0.86
CA ILE D 121 -10.14 -44.67 -0.52
C ILE D 121 -11.38 -44.07 -1.17
N TYR D 122 -12.54 -44.24 -0.53
CA TYR D 122 -13.80 -43.80 -1.13
C TYR D 122 -14.02 -44.48 -2.48
N ASN D 125 -19.05 -42.25 -5.87
CA ASN D 125 -19.77 -42.46 -4.61
C ASN D 125 -19.55 -41.33 -3.61
N GLY D 126 -18.32 -41.19 -3.12
CA GLY D 126 -17.98 -40.11 -2.22
C GLY D 126 -17.85 -40.54 -0.77
N ASN D 127 -18.39 -41.71 -0.46
CA ASN D 127 -18.34 -42.24 0.90
C ASN D 127 -17.15 -43.19 1.11
N ILE D 128 -16.68 -43.27 2.35
CA ILE D 128 -15.47 -44.01 2.67
C ILE D 128 -15.60 -45.49 2.33
N GLN D 129 -14.52 -46.06 1.79
CA GLN D 129 -14.51 -47.47 1.39
C GLN D 129 -13.39 -48.21 2.11
N PHE D 130 -12.21 -47.61 2.15
CA PHE D 130 -11.09 -48.17 2.90
C PHE D 130 -10.44 -47.08 3.75
N LYS D 131 -9.83 -47.48 4.85
CA LYS D 131 -9.32 -46.53 5.83
C LYS D 131 -7.87 -46.81 6.20
N GLY D 132 -6.97 -45.92 5.83
CA GLY D 132 -5.57 -46.05 6.14
C GLY D 132 -5.31 -46.13 7.63
N VAL D 133 -4.55 -47.14 8.04
CA VAL D 133 -4.32 -47.39 9.46
C VAL D 133 -3.54 -46.29 10.18
N CYS D 134 -2.31 -46.05 9.76
CA CYS D 134 -1.42 -45.15 10.50
C CYS D 134 -1.82 -43.67 10.39
N SER D 135 -2.15 -43.23 9.18
CA SER D 135 -2.48 -41.83 8.95
C SER D 135 -3.67 -41.40 9.80
N ASN D 136 -4.65 -42.27 9.94
CA ASN D 136 -5.81 -41.98 10.78
C ASN D 136 -5.47 -42.04 12.26
N TYR D 137 -4.63 -43.00 12.64
CA TYR D 137 -4.17 -43.09 14.01
C TYR D 137 -3.55 -41.77 14.40
N MET D 138 -2.63 -41.29 13.56
CA MET D 138 -1.96 -40.03 13.81
C MET D 138 -2.94 -38.87 13.91
N CYS D 139 -3.79 -38.72 12.90
CA CYS D 139 -4.75 -37.64 12.86
C CYS D 139 -5.80 -37.71 13.97
N ASP D 140 -5.82 -38.84 14.68
CA ASP D 140 -6.75 -39.00 15.79
C ASP D 140 -6.07 -38.81 17.13
N LEU D 141 -4.78 -38.49 17.10
CA LEU D 141 -4.00 -38.28 18.31
C LEU D 141 -4.57 -37.13 19.12
N LYS D 142 -4.57 -37.30 20.44
CA LYS D 142 -4.98 -36.25 21.36
C LYS D 142 -3.76 -35.79 22.15
N PRO D 143 -3.71 -34.50 22.50
CA PRO D 143 -2.60 -33.98 23.29
C PRO D 143 -2.38 -34.85 24.52
N GLY D 144 -1.15 -35.30 24.73
CA GLY D 144 -0.85 -36.14 25.87
C GLY D 144 -0.64 -37.59 25.50
N ASP D 145 -1.19 -37.99 24.35
CA ASP D 145 -1.01 -39.35 23.85
C ASP D 145 0.47 -39.65 23.63
N GLU D 146 0.82 -40.93 23.55
CA GLU D 146 2.20 -41.31 23.31
C GLU D 146 2.33 -41.95 21.93
N VAL D 147 3.35 -41.55 21.19
CA VAL D 147 3.58 -42.10 19.85
C VAL D 147 4.85 -42.92 19.79
N THR D 148 4.72 -44.14 19.28
CA THR D 148 5.87 -45.02 19.11
C THR D 148 6.63 -44.62 17.84
N MET D 149 7.91 -44.26 18.00
CA MET D 149 8.68 -43.73 16.88
C MET D 149 9.88 -44.57 16.47
N THR D 150 10.31 -44.36 15.24
CA THR D 150 11.44 -45.06 14.64
C THR D 150 12.31 -44.05 13.90
N GLY D 151 13.58 -44.38 13.67
CA GLY D 151 14.42 -43.54 12.85
C GLY D 151 15.52 -42.82 13.61
N PRO D 152 16.00 -41.69 13.07
CA PRO D 152 15.53 -41.08 11.81
C PRO D 152 15.80 -41.98 10.59
N SER D 153 15.14 -41.68 9.48
CA SER D 153 15.25 -42.52 8.29
C SER D 153 15.58 -41.70 7.04
N GLY D 154 16.65 -42.08 6.36
CA GLY D 154 17.05 -41.43 5.12
C GLY D 154 18.19 -40.44 5.30
N LYS D 155 19.09 -40.41 4.33
CA LYS D 155 20.19 -39.44 4.35
C LYS D 155 20.64 -39.04 2.95
N LYS D 156 19.67 -38.88 2.05
CA LYS D 156 19.95 -38.38 0.71
C LYS D 156 19.28 -37.03 0.48
N PHE D 157 18.01 -36.95 0.87
CA PHE D 157 17.22 -35.73 0.73
C PHE D 157 17.62 -34.69 1.78
N LEU D 158 18.73 -34.00 1.55
CA LEU D 158 19.26 -33.06 2.54
C LEU D 158 19.67 -31.72 1.94
N LEU D 159 19.81 -30.73 2.81
CA LEU D 159 20.30 -29.41 2.40
C LEU D 159 21.82 -29.41 2.43
N PRO D 160 22.45 -28.48 1.69
CA PRO D 160 23.91 -28.36 1.73
C PRO D 160 24.38 -28.17 3.16
N ASN D 161 25.50 -28.81 3.53
CA ASN D 161 26.03 -28.67 4.88
C ASN D 161 27.11 -27.61 4.98
N THR D 162 27.37 -26.93 3.87
CA THR D 162 28.31 -25.81 3.85
C THR D 162 27.70 -24.64 3.09
N ASP D 163 28.27 -23.45 3.28
CA ASP D 163 27.77 -22.25 2.61
C ASP D 163 27.40 -22.53 1.16
N PHE D 164 26.30 -21.97 0.71
CA PHE D 164 25.77 -22.27 -0.62
C PHE D 164 25.35 -21.00 -1.36
N SER D 165 25.62 -20.96 -2.65
CA SER D 165 25.35 -19.77 -3.47
C SER D 165 24.38 -20.04 -4.61
N GLY D 166 24.16 -21.31 -4.91
CA GLY D 166 23.26 -21.68 -6.00
C GLY D 166 21.81 -21.50 -5.60
N ASP D 167 20.95 -21.36 -6.60
CA ASP D 167 19.51 -21.26 -6.36
C ASP D 167 18.93 -22.63 -6.00
N ILE D 168 17.85 -22.64 -5.23
CA ILE D 168 17.20 -23.88 -4.85
C ILE D 168 15.72 -23.84 -5.19
N MET D 169 15.25 -24.89 -5.86
CA MET D 169 13.84 -24.97 -6.22
C MET D 169 13.15 -26.13 -5.49
N PHE D 170 12.15 -25.80 -4.69
CA PHE D 170 11.35 -26.80 -4.00
C PHE D 170 10.08 -27.11 -4.79
N LEU D 171 9.87 -28.38 -5.09
CA LEU D 171 8.68 -28.80 -5.83
C LEU D 171 7.87 -29.77 -5.00
N ALA D 172 6.68 -29.36 -4.61
CA ALA D 172 5.86 -30.15 -3.69
C ALA D 172 4.43 -30.32 -4.14
N THR D 173 3.84 -31.46 -3.80
CA THR D 173 2.43 -31.71 -4.05
C THR D 173 1.80 -32.29 -2.78
N GLY D 174 0.70 -31.69 -2.34
CA GLY D 174 0.03 -32.14 -1.13
C GLY D 174 0.95 -32.13 0.08
N THR D 175 0.95 -33.24 0.81
CA THR D 175 1.79 -33.37 2.00
C THR D 175 3.28 -33.26 1.70
N GLY D 176 3.64 -33.32 0.42
CA GLY D 176 5.03 -33.19 0.02
C GLY D 176 5.62 -31.85 0.40
N ILE D 177 4.77 -30.94 0.87
CA ILE D 177 5.19 -29.61 1.29
C ILE D 177 5.97 -29.69 2.61
N ALA D 178 5.77 -30.79 3.33
CA ALA D 178 6.32 -30.94 4.68
C ALA D 178 7.79 -30.55 4.82
N PRO D 179 8.70 -31.25 4.13
CA PRO D 179 10.14 -31.01 4.31
C PRO D 179 10.52 -29.58 3.97
N PHE D 180 9.73 -28.94 3.10
CA PHE D 180 10.08 -27.62 2.60
C PHE D 180 9.70 -26.49 3.56
N ILE D 181 8.81 -26.78 4.51
CA ILE D 181 8.53 -25.82 5.57
C ILE D 181 9.79 -25.68 6.41
N GLY D 182 10.25 -26.79 6.98
CA GLY D 182 11.44 -26.79 7.81
C GLY D 182 12.65 -26.23 7.08
N MET D 183 12.86 -26.68 5.85
CA MET D 183 13.99 -26.22 5.05
C MET D 183 13.94 -24.72 4.80
N SER D 184 12.75 -24.21 4.50
CA SER D 184 12.58 -22.78 4.25
C SER D 184 12.93 -21.94 5.47
N GLU D 185 12.45 -22.37 6.64
CA GLU D 185 12.73 -21.66 7.88
C GLU D 185 14.21 -21.70 8.20
N GLU D 186 14.82 -22.87 7.98
CA GLU D 186 16.22 -23.09 8.30
C GLU D 186 17.16 -22.25 7.43
N LEU D 187 16.85 -22.16 6.14
CA LEU D 187 17.69 -21.42 5.21
C LEU D 187 17.54 -19.90 5.37
N LEU D 188 16.32 -19.46 5.66
CA LEU D 188 16.03 -18.03 5.72
C LEU D 188 16.18 -17.42 7.11
N GLU D 189 16.03 -18.22 8.16
CA GLU D 189 16.03 -17.69 9.52
C GLU D 189 17.14 -18.25 10.41
N HIS D 190 17.33 -19.56 10.37
CA HIS D 190 18.30 -20.22 11.25
C HIS D 190 19.73 -20.05 10.77
N LYS D 191 19.91 -19.95 9.45
CA LYS D 191 21.21 -19.68 8.86
C LYS D 191 22.32 -20.53 9.47
N LEU D 192 22.11 -21.84 9.49
CA LEU D 192 23.15 -22.77 9.91
C LEU D 192 24.27 -22.72 8.88
N ILE D 193 24.00 -22.06 7.76
CA ILE D 193 24.95 -21.86 6.69
C ILE D 193 24.66 -20.52 6.02
N LYS D 194 25.67 -19.93 5.39
CA LYS D 194 25.43 -18.72 4.61
C LYS D 194 24.86 -19.05 3.24
N PHE D 195 23.55 -18.90 3.11
CA PHE D 195 22.87 -19.16 1.85
C PHE D 195 22.62 -17.85 1.10
N THR D 196 23.12 -17.77 -0.12
CA THR D 196 23.02 -16.55 -0.90
C THR D 196 22.29 -16.76 -2.22
N GLY D 197 21.64 -17.91 -2.36
CA GLY D 197 20.89 -18.21 -3.56
C GLY D 197 19.42 -17.82 -3.44
N ASN D 198 18.66 -18.06 -4.51
CA ASN D 198 17.24 -17.77 -4.51
C ASN D 198 16.40 -19.03 -4.36
N ILE D 199 15.43 -18.99 -3.46
CA ILE D 199 14.52 -20.12 -3.25
C ILE D 199 13.22 -19.92 -4.01
N THR D 200 12.87 -20.88 -4.85
CA THR D 200 11.59 -20.87 -5.53
C THR D 200 10.79 -22.08 -5.10
N LEU D 201 9.68 -21.85 -4.41
CA LEU D 201 8.84 -22.93 -3.94
C LEU D 201 7.58 -23.09 -4.79
N VAL D 202 7.53 -24.20 -5.52
CA VAL D 202 6.38 -24.51 -6.36
C VAL D 202 5.55 -25.59 -5.66
N TYR D 203 4.32 -25.23 -5.30
CA TYR D 203 3.51 -26.04 -4.41
C TYR D 203 2.14 -26.29 -5.02
N GLY D 204 1.77 -27.56 -5.15
CA GLY D 204 0.52 -27.92 -5.80
C GLY D 204 -0.44 -28.74 -4.96
N ALA D 205 -1.73 -28.50 -5.16
CA ALA D 205 -2.80 -29.26 -4.51
C ALA D 205 -4.09 -29.13 -5.32
N PRO D 206 -5.09 -29.99 -5.02
CA PRO D 206 -6.35 -29.99 -5.77
C PRO D 206 -7.15 -28.69 -5.64
N TYR D 207 -7.31 -28.16 -4.43
CA TYR D 207 -8.06 -26.93 -4.22
C TYR D 207 -7.29 -25.93 -3.36
N SER D 208 -7.60 -24.65 -3.54
CA SER D 208 -6.94 -23.59 -2.78
C SER D 208 -6.96 -23.83 -1.28
N ASP D 209 -8.06 -24.41 -0.79
CA ASP D 209 -8.21 -24.65 0.64
C ASP D 209 -7.48 -25.92 1.09
N GLU D 210 -6.85 -26.61 0.14
CA GLU D 210 -6.05 -27.79 0.47
C GLU D 210 -4.55 -27.49 0.44
N LEU D 211 -4.22 -26.26 0.06
CA LEU D 211 -2.89 -25.72 0.28
C LEU D 211 -2.76 -25.38 1.77
N VAL D 212 -1.84 -26.05 2.46
CA VAL D 212 -1.66 -25.82 3.90
C VAL D 212 -0.47 -24.90 4.20
N MET D 213 -0.45 -24.36 5.41
CA MET D 213 0.65 -23.51 5.87
C MET D 213 0.78 -22.24 5.05
N MET D 214 -0.25 -21.92 4.26
CA MET D 214 -0.17 -20.81 3.33
C MET D 214 0.13 -19.47 3.99
N ASP D 215 -0.53 -19.19 5.12
CA ASP D 215 -0.24 -17.96 5.85
C ASP D 215 1.25 -17.84 6.10
N TYR D 216 1.83 -18.92 6.62
CA TYR D 216 3.26 -18.95 6.90
C TYR D 216 4.12 -18.77 5.65
N LEU D 217 3.77 -19.49 4.59
CA LEU D 217 4.53 -19.44 3.35
C LEU D 217 4.46 -18.07 2.68
N LYS D 218 3.24 -17.55 2.52
CA LYS D 218 3.05 -16.23 1.95
C LYS D 218 3.82 -15.18 2.74
N GLY D 219 3.83 -15.36 4.06
CA GLY D 219 4.58 -14.48 4.94
C GLY D 219 6.06 -14.53 4.65
N LEU D 220 6.57 -15.73 4.40
CA LEU D 220 7.98 -15.90 4.04
C LEU D 220 8.30 -15.15 2.76
N GLU D 221 7.36 -15.17 1.82
CA GLU D 221 7.57 -14.53 0.53
C GLU D 221 7.67 -13.02 0.66
N SER D 222 6.81 -12.44 1.48
CA SER D 222 6.74 -10.99 1.61
C SER D 222 7.87 -10.44 2.49
N LYS D 223 8.54 -11.32 3.21
CA LYS D 223 9.57 -10.89 4.15
C LYS D 223 10.99 -10.94 3.58
N HIS D 224 11.16 -11.57 2.42
CA HIS D 224 12.51 -11.92 1.98
C HIS D 224 12.97 -11.47 0.59
N LYS D 225 12.14 -11.65 -0.43
CA LYS D 225 12.57 -11.44 -1.82
C LYS D 225 13.49 -12.59 -2.21
N ASN D 226 14.21 -13.09 -1.21
CA ASN D 226 15.05 -14.26 -1.33
C ASN D 226 14.22 -15.51 -1.66
N PHE D 227 12.90 -15.36 -1.61
CA PHE D 227 11.99 -16.49 -1.62
C PHE D 227 10.71 -16.19 -2.40
N LYS D 228 10.48 -16.91 -3.49
CA LYS D 228 9.26 -16.76 -4.28
C LYS D 228 8.34 -17.97 -4.15
N LEU D 229 7.04 -17.71 -4.12
CA LEU D 229 6.06 -18.77 -3.91
C LEU D 229 5.10 -18.88 -5.09
N ILE D 230 5.06 -20.07 -5.69
CA ILE D 230 4.15 -20.36 -6.80
C ILE D 230 3.28 -21.55 -6.45
N THR D 231 2.01 -21.50 -6.81
CA THR D 231 1.10 -22.61 -6.53
C THR D 231 0.49 -23.19 -7.81
N ALA D 232 0.16 -24.47 -7.76
CA ALA D 232 -0.54 -25.14 -8.85
C ALA D 232 -1.79 -25.83 -8.30
N ILE D 233 -2.92 -25.15 -8.42
CA ILE D 233 -4.20 -25.67 -7.93
C ILE D 233 -4.91 -26.42 -9.05
N SER D 234 -4.65 -27.72 -9.11
CA SER D 234 -4.99 -28.55 -10.27
C SER D 234 -6.46 -28.55 -10.70
N ARG D 235 -7.37 -28.44 -9.73
CA ARG D 235 -8.79 -28.56 -10.03
C ARG D 235 -9.49 -27.20 -10.10
N GLU D 236 -8.71 -26.13 -10.12
CA GLU D 236 -9.25 -24.78 -10.24
C GLU D 236 -8.51 -24.01 -11.33
N GLU D 237 -7.43 -24.61 -11.83
CA GLU D 237 -6.61 -23.95 -12.84
C GLU D 237 -6.25 -24.91 -13.98
N LYS D 238 -6.28 -24.40 -15.20
CA LYS D 238 -5.81 -25.16 -16.35
C LYS D 238 -4.55 -24.49 -16.89
N ASN D 239 -3.57 -25.29 -17.29
CA ASN D 239 -2.31 -24.73 -17.79
C ASN D 239 -2.48 -24.13 -19.18
N SER D 240 -1.58 -23.23 -19.53
CA SER D 240 -1.68 -22.47 -20.77
C SER D 240 -1.18 -23.25 -21.99
N PHE D 241 -0.56 -24.40 -21.73
CA PHE D 241 0.11 -25.14 -22.81
C PHE D 241 -0.82 -26.13 -23.52
N ASP D 242 -1.51 -26.97 -22.76
CA ASP D 242 -2.41 -27.96 -23.35
C ASP D 242 -3.83 -27.86 -22.80
N GLY D 243 -4.05 -26.89 -21.92
CA GLY D 243 -5.37 -26.63 -21.37
C GLY D 243 -5.84 -27.69 -20.39
N GLY D 244 -4.92 -28.56 -19.98
CA GLY D 244 -5.23 -29.58 -18.98
C GLY D 244 -5.12 -29.01 -17.58
N ARG D 245 -5.22 -29.88 -16.58
CA ARG D 245 -5.10 -29.46 -15.19
C ARG D 245 -3.74 -28.80 -14.95
N MET D 246 -3.71 -27.82 -14.05
CA MET D 246 -2.48 -27.13 -13.72
C MET D 246 -1.67 -27.90 -12.69
N TYR D 247 -0.56 -28.50 -13.12
CA TYR D 247 0.33 -29.21 -12.20
C TYR D 247 1.60 -28.41 -11.99
N ILE D 248 2.37 -28.77 -10.97
CA ILE D 248 3.61 -28.09 -10.69
C ILE D 248 4.56 -28.20 -11.88
N SER D 249 4.40 -29.25 -12.67
CA SER D 249 5.23 -29.45 -13.85
C SER D 249 5.05 -28.32 -14.85
N HIS D 250 3.81 -27.86 -15.00
CA HIS D 250 3.52 -26.75 -15.91
C HIS D 250 4.06 -25.43 -15.36
N ARG D 251 4.15 -25.34 -14.04
CA ARG D 251 4.74 -24.18 -13.40
C ARG D 251 6.23 -24.14 -13.67
N VAL D 252 6.86 -25.31 -13.63
CA VAL D 252 8.27 -25.42 -13.95
C VAL D 252 8.53 -24.86 -15.34
N ARG D 253 7.68 -25.27 -16.29
CA ARG D 253 7.80 -24.82 -17.67
C ARG D 253 7.68 -23.30 -17.77
N GLU D 254 6.84 -22.72 -16.92
CA GLU D 254 6.67 -21.27 -16.89
C GLU D 254 7.87 -20.58 -16.23
N GLN D 255 8.57 -21.31 -15.37
CA GLN D 255 9.75 -20.77 -14.70
C GLN D 255 11.04 -21.22 -15.39
N ALA D 256 11.03 -21.16 -16.73
CA ALA D 256 12.14 -21.65 -17.52
C ALA D 256 13.48 -21.10 -17.07
N GLU D 257 13.52 -19.81 -16.74
CA GLU D 257 14.77 -19.15 -16.40
C GLU D 257 15.29 -19.46 -15.01
N ALA D 258 14.39 -19.49 -14.04
CA ALA D 258 14.77 -19.91 -12.70
C ALA D 258 15.31 -21.33 -12.78
N VAL D 259 14.70 -22.13 -13.66
CA VAL D 259 15.15 -23.50 -13.90
C VAL D 259 16.55 -23.51 -14.53
N LYS D 260 16.75 -22.68 -15.54
CA LYS D 260 18.06 -22.58 -16.20
C LYS D 260 19.13 -22.07 -15.23
N LYS D 261 18.77 -21.10 -14.40
CA LYS D 261 19.69 -20.56 -13.41
C LYS D 261 20.23 -21.69 -12.55
N ILE D 262 19.37 -22.64 -12.20
CA ILE D 262 19.74 -23.75 -11.34
C ILE D 262 20.58 -24.78 -12.10
N LEU D 263 20.23 -25.02 -13.36
CA LEU D 263 20.94 -25.99 -14.19
C LEU D 263 22.38 -25.56 -14.47
N ASN D 264 22.60 -24.25 -14.57
CA ASN D 264 23.90 -23.72 -14.92
C ASN D 264 24.62 -23.09 -13.74
N GLY D 265 23.91 -22.87 -12.65
CA GLY D 265 24.46 -22.17 -11.50
C GLY D 265 24.70 -23.05 -10.30
N GLY D 266 24.77 -24.36 -10.53
CA GLY D 266 25.03 -25.31 -9.47
C GLY D 266 23.94 -25.35 -8.41
N GLY D 267 22.72 -25.04 -8.81
CA GLY D 267 21.59 -25.08 -7.91
C GLY D 267 21.07 -26.48 -7.68
N ARG D 268 20.02 -26.61 -6.87
CA ARG D 268 19.46 -27.91 -6.55
C ARG D 268 17.96 -27.98 -6.80
N PHE D 269 17.49 -29.18 -7.12
CA PHE D 269 16.06 -29.44 -7.27
C PHE D 269 15.60 -30.44 -6.20
N TYR D 270 14.61 -30.05 -5.41
CA TYR D 270 14.00 -30.98 -4.46
C TYR D 270 12.55 -31.23 -4.89
N ILE D 271 12.23 -32.51 -5.09
CA ILE D 271 10.88 -32.91 -5.49
C ILE D 271 10.30 -33.84 -4.44
N CYS D 272 9.15 -33.49 -3.90
CA CYS D 272 8.53 -34.28 -2.84
C CYS D 272 7.00 -34.27 -2.93
N GLY D 273 6.38 -35.40 -2.61
CA GLY D 273 4.93 -35.49 -2.63
C GLY D 273 4.43 -36.69 -3.41
N GLY D 274 3.14 -36.67 -3.76
CA GLY D 274 2.54 -37.76 -4.51
C GLY D 274 1.92 -37.30 -5.80
N PRO D 275 1.40 -38.24 -6.61
CA PRO D 275 1.46 -39.67 -6.27
C PRO D 275 2.81 -40.25 -6.64
N LYS D 276 3.02 -41.53 -6.34
CA LYS D 276 4.28 -42.19 -6.63
C LYS D 276 4.69 -41.97 -8.08
N GLY D 277 5.95 -41.55 -8.27
CA GLY D 277 6.47 -41.33 -9.61
C GLY D 277 5.97 -40.06 -10.27
N MET D 278 5.53 -39.10 -9.47
CA MET D 278 5.08 -37.82 -10.02
C MET D 278 6.26 -36.95 -10.42
N GLU D 279 7.46 -37.39 -10.06
CA GLU D 279 8.68 -36.66 -10.40
C GLU D 279 8.97 -36.73 -11.89
N LYS D 280 8.55 -37.82 -12.52
CA LYS D 280 8.83 -38.01 -13.94
C LYS D 280 8.44 -36.78 -14.75
N GLY D 281 7.17 -36.38 -14.64
CA GLY D 281 6.67 -35.24 -15.38
C GLY D 281 7.42 -33.96 -15.09
N VAL D 282 7.75 -33.74 -13.82
CA VAL D 282 8.52 -32.58 -13.42
C VAL D 282 9.93 -32.64 -14.02
N ILE D 283 10.58 -33.79 -13.87
CA ILE D 283 11.95 -33.96 -14.33
C ILE D 283 12.09 -33.77 -15.84
N GLU D 284 11.22 -34.42 -16.61
CA GLU D 284 11.32 -34.33 -18.07
C GLU D 284 10.86 -32.96 -18.59
N GLU D 285 10.32 -32.14 -17.71
CA GLU D 285 10.04 -30.75 -18.05
C GLU D 285 11.30 -29.94 -17.86
N ILE D 286 12.07 -30.28 -16.83
CA ILE D 286 13.37 -29.67 -16.58
C ILE D 286 14.32 -30.05 -17.71
N GLN D 287 14.16 -31.26 -18.24
CA GLN D 287 15.03 -31.73 -19.31
C GLN D 287 14.77 -30.98 -20.61
N LYS D 288 13.50 -30.72 -20.91
CA LYS D 288 13.15 -29.94 -22.09
C LYS D 288 13.86 -28.59 -22.04
N ILE D 289 13.88 -27.98 -20.86
CA ILE D 289 14.47 -26.66 -20.69
C ILE D 289 15.98 -26.69 -20.85
N SER D 290 16.61 -27.74 -20.37
CA SER D 290 18.06 -27.90 -20.52
C SER D 290 18.40 -28.20 -21.97
N GLY D 291 17.50 -28.87 -22.67
CA GLY D 291 17.70 -29.19 -24.06
C GLY D 291 18.42 -30.51 -24.27
N ASN D 292 18.91 -31.09 -23.18
CA ASN D 292 19.60 -32.37 -23.23
C ASN D 292 18.66 -33.46 -23.77
N THR D 293 19.16 -34.28 -24.68
CA THR D 293 18.32 -35.28 -25.36
C THR D 293 18.65 -36.72 -25.01
N GLY D 294 19.40 -36.92 -23.92
CA GLY D 294 19.64 -38.26 -23.42
C GLY D 294 18.33 -38.87 -22.97
N THR D 295 18.35 -40.13 -22.56
CA THR D 295 17.15 -40.78 -22.06
C THR D 295 16.76 -40.11 -20.73
N TYR D 296 15.48 -40.21 -20.39
CA TYR D 296 14.98 -39.65 -19.14
C TYR D 296 15.87 -40.07 -17.97
N GLU D 297 16.22 -41.35 -17.94
CA GLU D 297 16.97 -41.89 -16.82
C GLU D 297 18.43 -41.41 -16.83
N GLU D 298 18.99 -41.23 -18.01
CA GLU D 298 20.36 -40.73 -18.14
C GLU D 298 20.44 -39.30 -17.61
N PHE D 299 19.40 -38.51 -17.89
CA PHE D 299 19.34 -37.14 -17.44
C PHE D 299 19.11 -37.09 -15.93
N LYS D 300 18.20 -37.94 -15.45
CA LYS D 300 17.87 -37.98 -14.03
C LYS D 300 19.04 -38.43 -13.17
N HIS D 301 19.73 -39.49 -13.59
CA HIS D 301 20.86 -40.01 -12.82
C HIS D 301 22.02 -39.03 -12.83
N HIS D 302 22.18 -38.35 -13.97
CA HIS D 302 23.22 -37.34 -14.10
C HIS D 302 23.03 -36.25 -13.05
N LEU D 303 21.80 -35.71 -12.99
CA LEU D 303 21.49 -34.66 -12.03
C LEU D 303 21.70 -35.11 -10.60
N GLU D 304 21.16 -36.27 -10.24
CA GLU D 304 21.36 -36.83 -8.91
C GLU D 304 22.85 -36.96 -8.62
N GLY D 305 23.58 -37.50 -9.59
CA GLY D 305 25.02 -37.63 -9.47
C GLY D 305 25.69 -36.29 -9.27
N ALA D 306 25.16 -35.28 -9.95
CA ALA D 306 25.73 -33.94 -9.87
C ALA D 306 25.27 -33.22 -8.61
N HIS D 307 24.48 -33.92 -7.79
CA HIS D 307 23.94 -33.34 -6.56
C HIS D 307 23.02 -32.17 -6.87
N GLN D 308 22.27 -32.26 -7.95
CA GLN D 308 21.36 -31.19 -8.33
C GLN D 308 19.92 -31.69 -8.33
N LEU D 309 19.74 -32.96 -8.03
CA LEU D 309 18.42 -33.56 -7.96
C LEU D 309 18.23 -34.37 -6.69
N PHE D 310 17.06 -34.20 -6.07
CA PHE D 310 16.71 -34.92 -4.85
C PHE D 310 15.22 -35.21 -4.87
N VAL D 311 14.86 -36.50 -4.93
CA VAL D 311 13.46 -36.86 -5.11
C VAL D 311 12.94 -37.85 -4.07
N GLU D 312 11.81 -37.49 -3.45
CA GLU D 312 11.14 -38.38 -2.51
C GLU D 312 9.63 -38.33 -2.77
N THR D 313 9.14 -39.30 -3.52
CA THR D 313 7.72 -39.34 -3.87
C THR D 313 7.07 -40.63 -3.35
N TYR D 314 5.76 -40.59 -3.16
CA TYR D 314 5.04 -41.70 -2.59
C TYR D 314 3.55 -41.60 -2.90
#